data_1CM8
#
_entry.id   1CM8
#
_cell.length_a   63.500
_cell.length_b   66.820
_cell.length_c   206.020
_cell.angle_alpha   90.00
_cell.angle_beta   90.00
_cell.angle_gamma   90.00
#
_symmetry.space_group_name_H-M   'P 21 21 21'
#
loop_
_entity.id
_entity.type
_entity.pdbx_description
1 polymer 'PHOSPHORYLATED MAP KINASE P38-GAMMA'
2 non-polymer 'MAGNESIUM ION'
3 non-polymer 'PHOSPHOAMINOPHOSPHONIC ACID-ADENYLATE ESTER'
4 water water
#
_entity_poly.entity_id   1
_entity_poly.type   'polypeptide(L)'
_entity_poly.pdbx_seq_one_letter_code
;MSSPPPARSGFYRQEVTKTAWEVRAVYRDLQPVGSGAYGAVCSAVDGRTGAKVAIKKLYRPFQSELFAKRAYRELRLLKH
MRHENVIGLLDVFTPDETLDDFTDFYLVMPFMGTDLGKLMKHEKLGEDRIQFLVYQMLKGLRYIHAAGIIHRDLKPGNLA
VNEDCELKILDFGLARQADSEM(TPO)G(PTR)VVTRWYRAPEVILNWMRYTQTVDIWSVGCIMAEMITGKTLFKGSDHL
DQLKEIMKVTGTPPAEFVQRLQSDEAKNYMKGLPELEKKDFASILTNASPLAVNLLEKMLVLDAEQRVTAGEALAHPYFE
SLHDTEDEPQVQKYDDSFDDVDRTLDEWKRVTYKEVLSFKPPRQLGARVSKETPL
;
_entity_poly.pdbx_strand_id   A,B
#
loop_
_chem_comp.id
_chem_comp.type
_chem_comp.name
_chem_comp.formula
ANP non-polymer 'PHOSPHOAMINOPHOSPHONIC ACID-ADENYLATE ESTER' 'C10 H17 N6 O12 P3'
MG non-polymer 'MAGNESIUM ION' 'Mg 2'
#
# COMPACT_ATOMS: atom_id res chain seq x y z
N ARG A 8 21.70 46.54 15.38
CA ARG A 8 22.81 46.21 16.32
C ARG A 8 23.95 45.42 15.62
N SER A 9 25.07 45.28 16.33
CA SER A 9 26.25 44.56 15.81
C SER A 9 27.18 44.24 16.99
N GLY A 10 28.04 43.24 16.80
CA GLY A 10 28.96 42.82 17.85
C GLY A 10 28.37 41.64 18.61
N PHE A 11 28.70 41.51 19.88
CA PHE A 11 28.19 40.42 20.71
C PHE A 11 27.74 40.95 22.06
N TYR A 12 27.23 40.06 22.90
CA TYR A 12 26.80 40.42 24.25
C TYR A 12 26.55 39.16 25.06
N ARG A 13 26.53 39.30 26.39
CA ARG A 13 26.37 38.13 27.26
C ARG A 13 25.17 38.24 28.19
N GLN A 14 24.59 37.10 28.54
CA GLN A 14 23.44 37.09 29.42
C GLN A 14 23.31 35.82 30.25
N GLU A 15 22.74 35.99 31.44
CA GLU A 15 22.48 34.90 32.37
C GLU A 15 21.13 34.33 31.97
N VAL A 16 21.11 33.11 31.46
CA VAL A 16 19.83 32.51 31.09
C VAL A 16 19.30 31.71 32.28
N THR A 17 19.62 30.42 32.34
CA THR A 17 19.18 29.63 33.49
C THR A 17 20.39 29.65 34.42
N LYS A 18 21.17 28.57 34.37
CA LYS A 18 22.38 28.47 35.18
C LYS A 18 23.58 28.81 34.29
N THR A 19 23.37 28.69 32.98
CA THR A 19 24.42 28.93 31.98
C THR A 19 24.56 30.36 31.48
N ALA A 20 25.73 30.65 30.92
CA ALA A 20 26.03 31.96 30.36
C ALA A 20 26.21 31.85 28.86
N TRP A 21 25.46 32.70 28.16
CA TRP A 21 25.49 32.74 26.70
C TRP A 21 26.17 33.99 26.22
N GLU A 22 26.77 33.93 25.04
CA GLU A 22 27.44 35.10 24.47
C GLU A 22 26.97 35.18 23.03
N VAL A 23 25.71 35.53 22.84
CA VAL A 23 25.11 35.63 21.53
C VAL A 23 25.44 36.93 20.81
N ARG A 24 24.94 37.10 19.59
CA ARG A 24 25.19 38.34 18.85
C ARG A 24 24.26 39.40 19.36
N ALA A 25 24.68 40.66 19.25
CA ALA A 25 23.91 41.81 19.72
C ALA A 25 22.55 41.89 19.07
N VAL A 26 22.51 41.47 17.81
CA VAL A 26 21.30 41.45 17.01
C VAL A 26 20.22 40.52 17.55
N TYR A 27 20.61 39.31 17.97
CA TYR A 27 19.68 38.33 18.56
C TYR A 27 19.29 38.89 19.91
N ARG A 28 18.03 39.25 20.06
CA ARG A 28 17.56 39.86 21.28
C ARG A 28 16.53 39.08 22.08
N ASP A 29 16.23 39.58 23.27
CA ASP A 29 15.27 39.00 24.22
C ASP A 29 15.31 37.46 24.32
N LEU A 30 16.40 36.93 24.87
CA LEU A 30 16.55 35.49 25.01
C LEU A 30 15.60 34.89 26.05
N GLN A 31 15.11 33.70 25.75
CA GLN A 31 14.20 32.95 26.62
C GLN A 31 14.48 31.47 26.46
N PRO A 32 14.71 30.74 27.56
CA PRO A 32 14.99 29.31 27.54
C PRO A 32 13.77 28.48 27.12
N VAL A 33 14.02 27.30 26.58
CA VAL A 33 12.96 26.40 26.13
C VAL A 33 13.43 24.95 26.23
N ALA A 40 21.17 23.13 25.83
CA ALA A 40 20.18 24.22 26.07
C ALA A 40 19.97 25.10 24.83
N VAL A 41 18.70 25.46 24.62
CA VAL A 41 18.28 26.23 23.48
C VAL A 41 17.47 27.39 24.00
N CYS A 42 17.57 28.51 23.30
CA CYS A 42 16.84 29.71 23.67
C CYS A 42 16.06 30.27 22.50
N SER A 43 14.96 30.94 22.83
CA SER A 43 14.13 31.56 21.82
C SER A 43 14.48 33.03 21.86
N ALA A 44 15.02 33.55 20.78
CA ALA A 44 15.37 34.96 20.72
C ALA A 44 14.56 35.64 19.63
N VAL A 45 14.88 36.91 19.34
CA VAL A 45 14.20 37.65 18.28
C VAL A 45 15.30 38.27 17.45
N ASP A 46 15.22 38.15 16.13
CA ASP A 46 16.26 38.77 15.32
C ASP A 46 15.90 40.25 15.38
N GLY A 47 16.74 41.03 16.05
CA GLY A 47 16.47 42.44 16.21
C GLY A 47 16.28 43.14 14.89
N ARG A 48 16.91 42.60 13.85
CA ARG A 48 16.82 43.15 12.51
C ARG A 48 15.47 42.97 11.80
N THR A 49 14.72 41.92 12.12
CA THR A 49 13.47 41.68 11.41
C THR A 49 12.22 41.56 12.24
N GLY A 50 12.33 41.06 13.46
CA GLY A 50 11.17 40.92 14.33
C GLY A 50 10.65 39.51 14.41
N ALA A 51 11.35 38.62 13.72
CA ALA A 51 11.02 37.20 13.63
C ALA A 51 11.65 36.38 14.77
N LYS A 52 10.83 35.60 15.48
CA LYS A 52 11.32 34.76 16.58
C LYS A 52 12.26 33.74 15.97
N VAL A 53 13.31 33.44 16.73
CA VAL A 53 14.35 32.53 16.30
C VAL A 53 14.71 31.59 17.45
N ALA A 54 15.33 30.46 17.13
CA ALA A 54 15.77 29.51 18.13
C ALA A 54 17.29 29.48 18.11
N ILE A 55 17.91 29.69 19.27
CA ILE A 55 19.36 29.68 19.40
C ILE A 55 19.79 28.56 20.31
N LYS A 56 20.62 27.66 19.76
CA LYS A 56 21.13 26.50 20.47
C LYS A 56 22.60 26.65 20.75
N LYS A 57 22.97 26.57 22.03
CA LYS A 57 24.37 26.67 22.45
C LYS A 57 24.92 25.26 22.64
N LEU A 58 25.91 24.89 21.84
CA LEU A 58 26.53 23.57 21.97
C LEU A 58 27.26 23.58 23.31
N TYR A 59 26.74 22.78 24.23
CA TYR A 59 27.30 22.62 25.57
C TYR A 59 28.69 21.99 25.68
N ARG A 60 29.71 22.84 25.86
CA ARG A 60 31.12 22.43 25.95
C ARG A 60 31.46 21.33 24.93
N PRO A 61 31.31 21.64 23.64
CA PRO A 61 31.58 20.71 22.54
C PRO A 61 32.98 20.11 22.47
N PHE A 62 33.95 20.80 23.05
CA PHE A 62 35.34 20.30 23.02
C PHE A 62 35.86 19.87 24.39
N GLN A 63 34.99 19.17 25.11
CA GLN A 63 35.27 18.64 26.43
C GLN A 63 35.76 17.20 26.28
N SER A 64 35.53 16.61 25.10
CA SER A 64 35.95 15.24 24.82
C SER A 64 36.02 14.99 23.32
N GLU A 65 36.19 13.74 22.93
CA GLU A 65 36.26 13.39 21.52
C GLU A 65 34.86 13.01 21.06
N LEU A 66 34.10 12.43 21.99
CA LEU A 66 32.73 12.00 21.73
C LEU A 66 31.89 13.25 21.55
N PHE A 67 32.13 14.26 22.38
CA PHE A 67 31.38 15.51 22.27
C PHE A 67 31.73 16.27 21.00
N ALA A 68 33.02 16.37 20.72
CA ALA A 68 33.51 17.07 19.53
C ALA A 68 32.95 16.43 18.27
N LYS A 69 33.07 15.11 18.18
CA LYS A 69 32.58 14.37 17.03
C LYS A 69 31.10 14.68 16.76
N ARG A 70 30.30 14.68 17.81
CA ARG A 70 28.88 14.94 17.67
C ARG A 70 28.63 16.38 17.19
N ALA A 71 29.33 17.32 17.83
CA ALA A 71 29.19 18.73 17.48
C ALA A 71 29.45 18.94 15.99
N TYR A 72 30.57 18.41 15.52
CA TYR A 72 30.92 18.54 14.10
C TYR A 72 29.88 17.85 13.22
N ARG A 73 29.44 16.65 13.62
CA ARG A 73 28.43 15.93 12.84
C ARG A 73 27.12 16.70 12.75
N GLU A 74 26.72 17.33 13.86
CA GLU A 74 25.49 18.13 13.94
C GLU A 74 25.58 19.36 13.04
N LEU A 75 26.69 20.09 13.14
CA LEU A 75 26.88 21.25 12.30
C LEU A 75 26.82 20.84 10.82
N ARG A 76 27.73 19.94 10.45
CA ARG A 76 27.85 19.43 9.09
C ARG A 76 26.57 18.93 8.43
N LEU A 77 25.80 18.10 9.13
CA LEU A 77 24.56 17.58 8.58
C LEU A 77 23.53 18.71 8.40
N LEU A 78 23.47 19.62 9.37
CA LEU A 78 22.52 20.72 9.33
C LEU A 78 22.87 21.65 8.20
N LYS A 79 24.16 21.87 7.98
CA LYS A 79 24.60 22.72 6.90
C LYS A 79 24.30 22.07 5.54
N HIS A 80 24.26 20.74 5.50
CA HIS A 80 23.99 20.03 4.26
C HIS A 80 22.51 19.81 3.91
N MET A 81 21.74 19.26 4.84
CA MET A 81 20.34 18.94 4.59
C MET A 81 19.50 20.15 4.22
N ARG A 82 18.47 19.93 3.41
CA ARG A 82 17.54 20.99 3.00
C ARG A 82 16.16 20.37 2.70
N HIS A 83 15.26 20.45 3.69
CA HIS A 83 13.92 19.89 3.56
C HIS A 83 12.88 20.61 4.42
N GLU A 84 11.69 20.77 3.88
CA GLU A 84 10.57 21.44 4.55
C GLU A 84 10.26 20.87 5.93
N ASN A 85 10.73 19.65 6.19
CA ASN A 85 10.47 18.98 7.44
C ASN A 85 11.71 18.67 8.27
N VAL A 86 12.80 19.37 8.00
CA VAL A 86 14.03 19.17 8.74
C VAL A 86 14.51 20.55 9.07
N ILE A 87 14.77 20.79 10.35
CA ILE A 87 15.22 22.10 10.81
C ILE A 87 16.41 22.62 10.02
N GLY A 88 16.46 23.93 9.86
CA GLY A 88 17.55 24.51 9.10
C GLY A 88 18.28 25.62 9.81
N LEU A 89 19.51 25.84 9.36
CA LEU A 89 20.34 26.88 9.92
C LEU A 89 20.08 28.22 9.27
N LEU A 90 19.98 29.26 10.08
CA LEU A 90 19.78 30.62 9.61
C LEU A 90 21.11 31.33 9.83
N ASP A 91 21.84 30.89 10.84
CA ASP A 91 23.13 31.48 11.20
C ASP A 91 23.79 30.53 12.19
N VAL A 92 25.10 30.61 12.26
CA VAL A 92 25.90 29.83 13.18
C VAL A 92 27.07 30.76 13.50
N PHE A 93 27.42 30.86 14.77
CA PHE A 93 28.49 31.75 15.15
C PHE A 93 29.23 31.33 16.39
N THR A 94 30.32 32.02 16.65
CA THR A 94 31.14 31.80 17.83
C THR A 94 31.75 33.14 18.24
N PRO A 95 31.57 33.53 19.50
CA PRO A 95 32.08 34.79 20.05
C PRO A 95 33.56 34.70 20.39
N ASP A 96 34.23 33.74 19.74
CA ASP A 96 35.65 33.51 19.91
C ASP A 96 36.32 33.92 18.60
N GLU A 97 37.14 34.96 18.69
CA GLU A 97 37.84 35.52 17.54
C GLU A 97 38.95 34.69 16.89
N THR A 98 39.54 33.78 17.65
CA THR A 98 40.63 32.94 17.12
C THR A 98 40.44 31.45 17.42
N LEU A 99 41.03 30.60 16.59
CA LEU A 99 40.95 29.15 16.78
C LEU A 99 41.57 28.71 18.10
N ASP A 100 42.57 29.45 18.54
CA ASP A 100 43.27 29.17 19.78
C ASP A 100 42.32 29.08 20.99
N ASP A 101 41.50 30.11 21.21
CA ASP A 101 40.57 30.09 22.34
C ASP A 101 39.10 29.75 21.98
N PHE A 102 38.90 29.23 20.77
CA PHE A 102 37.59 28.82 20.27
C PHE A 102 37.07 27.66 21.11
N THR A 103 36.24 27.97 22.11
CA THR A 103 35.70 26.92 22.96
C THR A 103 34.31 26.44 22.59
N ASP A 104 33.47 27.32 22.07
CA ASP A 104 32.11 26.94 21.70
C ASP A 104 31.49 27.69 20.54
N PHE A 105 30.29 27.26 20.15
CA PHE A 105 29.57 27.90 19.06
C PHE A 105 28.07 27.71 19.20
N TYR A 106 27.34 28.64 18.59
CA TYR A 106 25.89 28.65 18.63
C TYR A 106 25.23 28.39 17.27
N LEU A 107 24.11 27.69 17.29
CA LEU A 107 23.36 27.36 16.08
C LEU A 107 22.07 28.15 16.13
N VAL A 108 21.72 28.75 15.00
CA VAL A 108 20.49 29.54 14.91
C VAL A 108 19.51 28.95 13.90
N MET A 109 18.33 28.60 14.39
CA MET A 109 17.28 28.05 13.55
C MET A 109 16.02 28.86 13.81
N PRO A 110 15.06 28.79 12.87
CA PRO A 110 13.81 29.53 13.02
C PRO A 110 13.02 28.98 14.20
N PHE A 111 12.31 29.83 14.92
CA PHE A 111 11.54 29.33 16.04
C PHE A 111 10.37 28.55 15.44
N MET A 112 10.21 27.31 15.88
CA MET A 112 9.16 26.46 15.38
C MET A 112 7.98 26.21 16.30
N GLY A 113 7.72 27.10 17.25
CA GLY A 113 6.57 26.90 18.12
C GLY A 113 6.87 26.22 19.45
N THR A 114 6.78 24.89 19.46
CA THR A 114 7.06 24.05 20.64
C THR A 114 7.37 22.67 20.08
N ASP A 115 7.83 21.77 20.94
CA ASP A 115 8.14 20.42 20.51
C ASP A 115 6.95 19.52 20.79
N LEU A 116 6.80 18.46 20.01
CA LEU A 116 5.68 17.52 20.14
C LEU A 116 5.44 17.04 21.58
N GLY A 117 6.53 16.88 22.32
CA GLY A 117 6.45 16.43 23.69
C GLY A 117 5.59 17.33 24.55
N LYS A 118 5.88 18.63 24.52
CA LYS A 118 5.14 19.61 25.29
C LYS A 118 3.74 19.72 24.73
N LEU A 119 3.63 19.73 23.41
CA LEU A 119 2.33 19.84 22.78
C LEU A 119 1.38 18.75 23.26
N MET A 120 1.89 17.54 23.48
CA MET A 120 1.08 16.41 23.92
C MET A 120 0.71 16.40 25.39
N LYS A 121 1.52 17.08 26.19
CA LYS A 121 1.33 17.18 27.62
C LYS A 121 0.15 18.10 27.94
N HIS A 122 -0.01 19.13 27.11
CA HIS A 122 -1.07 20.11 27.28
C HIS A 122 -2.39 19.69 26.67
N GLU A 123 -2.34 19.07 25.49
CA GLU A 123 -3.55 18.65 24.79
C GLU A 123 -3.53 17.27 24.11
N LYS A 124 -4.73 16.72 23.87
CA LYS A 124 -4.88 15.43 23.19
C LYS A 124 -4.97 15.82 21.74
N LEU A 125 -4.33 15.04 20.87
CA LEU A 125 -4.29 15.37 19.48
C LEU A 125 -5.54 15.23 18.61
N GLY A 126 -5.84 14.03 18.16
CA GLY A 126 -7.01 13.89 17.31
C GLY A 126 -6.63 13.37 15.95
N GLU A 127 -7.44 12.45 15.44
CA GLU A 127 -7.22 11.78 14.16
C GLU A 127 -6.57 12.58 13.04
N ASP A 128 -7.21 13.66 12.60
CA ASP A 128 -6.66 14.44 11.51
C ASP A 128 -5.27 14.99 11.83
N ARG A 129 -5.12 15.52 13.05
CA ARG A 129 -3.86 16.10 13.54
C ARG A 129 -2.73 15.07 13.59
N ILE A 130 -2.99 13.97 14.30
CA ILE A 130 -2.02 12.90 14.44
C ILE A 130 -1.51 12.41 13.10
N GLN A 131 -2.41 12.35 12.11
CA GLN A 131 -2.06 11.90 10.75
C GLN A 131 -1.12 12.88 10.08
N PHE A 132 -1.52 14.15 10.08
CA PHE A 132 -0.73 15.20 9.46
C PHE A 132 0.66 15.25 10.06
N LEU A 133 0.72 15.20 11.39
CA LEU A 133 2.00 15.25 12.07
C LEU A 133 2.92 14.12 11.67
N VAL A 134 2.41 12.88 11.74
CA VAL A 134 3.19 11.69 11.39
C VAL A 134 3.61 11.65 9.92
N TYR A 135 2.75 12.15 9.04
CA TYR A 135 3.05 12.22 7.63
C TYR A 135 4.33 13.02 7.48
N GLN A 136 4.38 14.16 8.16
CA GLN A 136 5.52 15.06 8.13
C GLN A 136 6.78 14.46 8.75
N MET A 137 6.64 13.69 9.82
CA MET A 137 7.81 13.05 10.42
C MET A 137 8.46 12.20 9.34
N LEU A 138 7.61 11.44 8.65
CA LEU A 138 8.02 10.53 7.61
C LEU A 138 8.62 11.13 6.32
N LYS A 139 8.10 12.27 5.86
CA LYS A 139 8.69 12.88 4.68
C LYS A 139 10.07 13.36 5.08
N GLY A 140 10.15 13.92 6.28
CA GLY A 140 11.42 14.40 6.79
C GLY A 140 12.38 13.22 6.87
N LEU A 141 11.87 12.10 7.37
CA LEU A 141 12.69 10.90 7.49
C LEU A 141 13.14 10.37 6.16
N ARG A 142 12.21 10.26 5.20
CA ARG A 142 12.53 9.76 3.87
C ARG A 142 13.66 10.58 3.28
N TYR A 143 13.65 11.88 3.53
CA TYR A 143 14.71 12.74 3.05
C TYR A 143 16.02 12.39 3.75
N ILE A 144 16.04 12.48 5.08
CA ILE A 144 17.24 12.20 5.85
C ILE A 144 17.87 10.87 5.45
N HIS A 145 17.04 9.86 5.22
CA HIS A 145 17.50 8.53 4.83
C HIS A 145 17.98 8.41 3.39
N ALA A 146 17.20 8.95 2.45
CA ALA A 146 17.55 8.91 1.04
C ALA A 146 18.91 9.59 0.90
N ALA A 147 19.19 10.52 1.82
CA ALA A 147 20.43 11.25 1.84
C ALA A 147 21.51 10.42 2.52
N GLY A 148 21.18 9.18 2.87
CA GLY A 148 22.11 8.29 3.53
C GLY A 148 22.44 8.59 4.99
N ILE A 149 21.66 9.46 5.61
CA ILE A 149 21.83 9.86 7.01
C ILE A 149 20.94 9.04 7.94
N ILE A 150 21.39 8.89 9.19
CA ILE A 150 20.62 8.16 10.20
C ILE A 150 20.52 9.14 11.37
N HIS A 151 19.30 9.32 11.89
CA HIS A 151 19.05 10.27 12.96
C HIS A 151 19.41 9.82 14.37
N ARG A 152 18.98 8.63 14.73
CA ARG A 152 19.26 8.04 16.04
C ARG A 152 18.69 8.69 17.30
N ASP A 153 17.66 9.51 17.18
CA ASP A 153 17.09 10.10 18.37
C ASP A 153 15.71 10.73 18.19
N LEU A 154 14.90 10.14 17.33
CA LEU A 154 13.58 10.69 17.12
C LEU A 154 12.75 10.41 18.36
N LYS A 155 12.26 11.47 18.97
CA LYS A 155 11.44 11.35 20.16
C LYS A 155 10.60 12.60 20.11
N PRO A 156 9.50 12.64 20.85
CA PRO A 156 8.65 13.83 20.82
C PRO A 156 9.40 15.14 21.05
N GLY A 157 10.37 15.11 21.95
CA GLY A 157 11.13 16.31 22.24
C GLY A 157 12.02 16.84 21.12
N ASN A 158 12.31 16.01 20.13
CA ASN A 158 13.12 16.44 19.01
C ASN A 158 12.27 16.62 17.76
N LEU A 159 11.01 17.01 17.94
CA LEU A 159 10.13 17.26 16.81
C LEU A 159 9.38 18.55 17.09
N ALA A 160 9.66 19.59 16.30
CA ALA A 160 9.01 20.88 16.47
C ALA A 160 7.71 21.03 15.65
N VAL A 161 6.72 21.70 16.24
CA VAL A 161 5.44 21.86 15.62
C VAL A 161 4.95 23.27 15.88
N ASN A 162 4.67 24.04 14.83
CA ASN A 162 4.18 25.40 15.03
C ASN A 162 2.64 25.51 15.08
N GLU A 163 2.13 26.74 15.19
CA GLU A 163 0.69 27.02 15.27
C GLU A 163 -0.12 26.44 14.10
N ASP A 164 0.48 26.39 12.92
CA ASP A 164 -0.16 25.85 11.73
C ASP A 164 0.09 24.35 11.56
N CYS A 165 0.40 23.69 12.67
CA CYS A 165 0.68 22.25 12.70
C CYS A 165 1.75 21.74 11.75
N GLU A 166 2.71 22.60 11.42
CA GLU A 166 3.81 22.21 10.54
C GLU A 166 4.91 21.65 11.43
N LEU A 167 5.58 20.62 10.95
CA LEU A 167 6.61 19.96 11.74
C LEU A 167 7.97 19.98 11.10
N LYS A 168 8.99 20.04 11.95
CA LYS A 168 10.38 20.02 11.54
C LYS A 168 11.17 19.15 12.54
N ILE A 169 11.89 18.17 12.01
CA ILE A 169 12.68 17.26 12.83
C ILE A 169 13.86 18.02 13.40
N LEU A 170 14.04 17.92 14.71
CA LEU A 170 15.12 18.63 15.39
C LEU A 170 16.21 17.71 15.88
N ASP A 171 17.19 18.31 16.54
CA ASP A 171 18.29 17.63 17.17
C ASP A 171 19.07 16.60 16.39
N PHE A 172 20.02 17.05 15.59
CA PHE A 172 20.84 16.08 14.86
C PHE A 172 22.10 15.81 15.65
N GLY A 173 22.05 16.08 16.94
CA GLY A 173 23.19 15.88 17.82
C GLY A 173 23.72 14.47 17.93
N LEU A 174 22.87 13.48 17.61
CA LEU A 174 23.28 12.09 17.66
C LEU A 174 23.23 11.50 16.26
N ALA A 175 22.97 12.33 15.25
CA ALA A 175 22.90 11.84 13.87
C ALA A 175 24.27 11.64 13.24
N ARG A 176 24.30 10.93 12.12
CA ARG A 176 25.53 10.63 11.38
C ARG A 176 25.16 10.03 10.02
N GLN A 177 26.19 9.71 9.23
CA GLN A 177 26.00 9.10 7.92
C GLN A 177 25.91 7.59 8.18
N ALA A 178 24.84 6.97 7.67
CA ALA A 178 24.65 5.53 7.85
C ALA A 178 25.83 4.73 7.32
N ASP A 179 26.27 3.76 8.10
CA ASP A 179 27.37 2.90 7.72
C ASP A 179 27.10 1.51 8.26
N SER A 180 28.05 0.59 8.14
CA SER A 180 27.85 -0.77 8.61
C SER A 180 28.00 -1.01 10.11
N GLU A 181 29.01 -0.41 10.71
CA GLU A 181 29.24 -0.58 12.13
C GLU A 181 29.24 0.76 12.87
N MET A 182 28.09 1.12 13.45
CA MET A 182 27.93 2.38 14.17
C MET A 182 28.07 2.26 15.69
N TPO A 183 28.11 3.39 16.39
CA TPO A 183 28.25 3.41 17.85
CB TPO A 183 28.59 4.85 18.35
CG2 TPO A 183 28.19 5.07 19.82
OG1 TPO A 183 27.94 5.73 17.50
P TPO A 183 28.73 6.62 16.51
O1P TPO A 183 28.60 5.99 15.18
O2P TPO A 183 30.13 6.65 16.98
O3P TPO A 183 28.06 7.95 16.50
C TPO A 183 27.02 2.76 18.53
O TPO A 183 25.87 2.94 18.11
N GLY A 184 27.29 1.95 19.55
CA GLY A 184 26.27 1.19 20.23
C GLY A 184 25.15 1.83 21.01
N PTR A 185 25.48 2.57 22.06
CA PTR A 185 24.43 3.18 22.87
C PTR A 185 23.85 4.43 22.20
O PTR A 185 24.35 5.55 22.37
CB PTR A 185 24.98 3.51 24.26
CG PTR A 185 23.94 3.26 25.29
CD1 PTR A 185 23.73 4.28 26.27
CD2 PTR A 185 23.16 2.08 25.28
CE1 PTR A 185 22.73 4.13 27.26
CE2 PTR A 185 22.16 1.93 26.28
CZ PTR A 185 21.96 2.95 27.26
OH PTR A 185 21.05 2.71 28.25
P PTR A 185 19.91 3.70 28.63
O1P PTR A 185 20.04 5.00 27.95
O2P PTR A 185 20.09 3.97 30.10
O3P PTR A 185 18.64 3.04 28.41
N VAL A 186 22.79 4.23 21.40
CA VAL A 186 22.16 5.34 20.69
C VAL A 186 20.64 5.32 20.83
N VAL A 187 19.99 6.46 20.60
CA VAL A 187 18.51 6.62 20.73
C VAL A 187 18.09 6.66 22.18
N THR A 188 17.12 7.51 22.51
CA THR A 188 16.63 7.60 23.87
C THR A 188 15.88 6.31 24.14
N ARG A 189 16.14 5.71 25.30
CA ARG A 189 15.53 4.44 25.72
C ARG A 189 14.09 4.09 25.29
N TRP A 190 13.11 4.87 25.71
CA TRP A 190 11.73 4.52 25.36
C TRP A 190 11.43 4.50 23.86
N TYR A 191 12.35 5.03 23.05
CA TYR A 191 12.13 5.08 21.60
C TYR A 191 13.15 4.25 20.88
N ARG A 192 13.97 3.57 21.67
CA ARG A 192 15.01 2.71 21.16
C ARG A 192 14.46 1.36 20.69
N ALA A 193 14.85 0.97 19.49
CA ALA A 193 14.41 -0.27 18.91
C ALA A 193 15.21 -1.39 19.53
N PRO A 194 14.61 -2.57 19.66
CA PRO A 194 15.29 -3.72 20.27
C PRO A 194 16.66 -4.07 19.68
N GLU A 195 16.79 -4.00 18.36
CA GLU A 195 18.07 -4.38 17.76
C GLU A 195 19.22 -3.50 18.15
N VAL A 196 18.96 -2.34 18.74
CA VAL A 196 20.08 -1.49 19.16
C VAL A 196 20.88 -2.25 20.20
N ILE A 197 20.20 -3.19 20.88
CA ILE A 197 20.82 -3.99 21.90
C ILE A 197 21.05 -5.44 21.48
N LEU A 198 20.03 -6.07 20.90
CA LEU A 198 20.19 -7.45 20.44
C LEU A 198 21.24 -7.53 19.35
N ASN A 199 21.31 -6.47 18.53
CA ASN A 199 22.26 -6.41 17.44
C ASN A 199 23.24 -5.27 17.65
N TRP A 200 23.89 -5.26 18.80
CA TRP A 200 24.87 -4.24 19.15
C TRP A 200 25.71 -3.79 17.97
N MET A 201 25.72 -2.47 17.74
CA MET A 201 26.48 -1.80 16.67
C MET A 201 26.13 -2.08 15.21
N ARG A 202 25.07 -2.83 14.94
CA ARG A 202 24.72 -3.13 13.55
C ARG A 202 23.28 -2.89 13.14
N TYR A 203 22.65 -1.89 13.77
CA TYR A 203 21.27 -1.52 13.45
C TYR A 203 21.33 -0.65 12.20
N THR A 204 20.17 -0.33 11.64
CA THR A 204 20.13 0.50 10.45
C THR A 204 19.20 1.68 10.59
N GLN A 205 18.94 2.34 9.46
CA GLN A 205 18.07 3.49 9.43
C GLN A 205 16.69 3.09 9.86
N THR A 206 16.41 1.80 9.94
CA THR A 206 15.08 1.39 10.38
C THR A 206 14.83 1.69 11.86
N VAL A 207 15.90 1.95 12.62
CA VAL A 207 15.72 2.25 14.02
C VAL A 207 14.91 3.52 14.15
N ASP A 208 15.06 4.43 13.19
CA ASP A 208 14.31 5.69 13.18
C ASP A 208 12.83 5.40 12.91
N ILE A 209 12.56 4.29 12.24
CA ILE A 209 11.17 3.93 11.97
C ILE A 209 10.57 3.40 13.26
N TRP A 210 11.39 2.71 14.05
CA TRP A 210 10.92 2.19 15.32
C TRP A 210 10.49 3.40 16.15
N SER A 211 11.41 4.34 16.36
CA SER A 211 11.13 5.56 17.11
C SER A 211 9.84 6.22 16.62
N VAL A 212 9.68 6.36 15.30
CA VAL A 212 8.44 6.96 14.78
C VAL A 212 7.19 6.16 15.19
N GLY A 213 7.33 4.85 15.31
CA GLY A 213 6.19 4.04 15.72
C GLY A 213 5.82 4.30 17.17
N CYS A 214 6.81 4.33 18.05
CA CYS A 214 6.58 4.59 19.46
C CYS A 214 5.99 5.99 19.59
N ILE A 215 6.50 6.89 18.77
CA ILE A 215 6.01 8.26 18.81
C ILE A 215 4.57 8.32 18.32
N MET A 216 4.29 7.71 17.17
CA MET A 216 2.92 7.72 16.66
C MET A 216 1.98 7.02 17.64
N ALA A 217 2.45 5.95 18.25
CA ALA A 217 1.66 5.20 19.20
C ALA A 217 1.36 6.06 20.42
N GLU A 218 2.34 6.87 20.84
CA GLU A 218 2.18 7.74 21.99
C GLU A 218 1.20 8.85 21.72
N MET A 219 1.23 9.40 20.52
CA MET A 219 0.30 10.45 20.17
C MET A 219 -1.14 9.95 20.31
N ILE A 220 -1.39 8.72 19.88
CA ILE A 220 -2.73 8.12 19.93
C ILE A 220 -3.23 7.76 21.34
N THR A 221 -2.43 6.99 22.07
CA THR A 221 -2.78 6.55 23.41
C THR A 221 -2.64 7.66 24.44
N GLY A 222 -1.50 8.35 24.40
CA GLY A 222 -1.24 9.41 25.34
C GLY A 222 -0.21 8.96 26.36
N LYS A 223 0.04 7.66 26.38
CA LYS A 223 1.00 7.06 27.30
C LYS A 223 2.22 6.62 26.52
N THR A 224 3.36 6.55 27.19
CA THR A 224 4.60 6.10 26.56
C THR A 224 4.36 4.61 26.30
N LEU A 225 4.67 4.16 25.07
CA LEU A 225 4.44 2.78 24.67
C LEU A 225 5.27 1.75 25.41
N PHE A 226 6.58 1.91 25.41
CA PHE A 226 7.44 0.96 26.09
C PHE A 226 8.29 1.70 27.12
N LYS A 227 7.76 1.92 28.31
CA LYS A 227 8.51 2.63 29.34
C LYS A 227 9.33 1.66 30.18
N GLY A 228 10.57 1.40 29.77
CA GLY A 228 11.39 0.48 30.53
C GLY A 228 12.29 1.16 31.54
N SER A 229 12.67 0.44 32.60
CA SER A 229 13.52 1.01 33.64
C SER A 229 15.00 1.14 33.25
N ASP A 230 15.51 0.16 32.53
CA ASP A 230 16.89 0.18 32.06
C ASP A 230 16.91 -0.35 30.62
N HIS A 231 18.08 -0.26 29.96
CA HIS A 231 18.16 -0.71 28.57
C HIS A 231 17.75 -2.16 28.35
N LEU A 232 18.07 -3.02 29.31
CA LEU A 232 17.70 -4.42 29.19
C LEU A 232 16.22 -4.57 29.49
N ASP A 233 15.75 -3.84 30.50
CA ASP A 233 14.35 -3.93 30.87
C ASP A 233 13.44 -3.41 29.75
N GLN A 234 14.02 -2.55 28.90
CA GLN A 234 13.30 -1.97 27.78
C GLN A 234 12.96 -3.11 26.81
N LEU A 235 13.88 -4.06 26.69
CA LEU A 235 13.65 -5.19 25.83
C LEU A 235 12.41 -5.89 26.32
N LYS A 236 12.37 -6.17 27.64
CA LYS A 236 11.21 -6.85 28.23
C LYS A 236 9.91 -6.11 27.96
N GLU A 237 9.93 -4.79 28.16
CA GLU A 237 8.72 -4.04 27.91
C GLU A 237 8.26 -4.20 26.47
N ILE A 238 9.20 -4.14 25.53
CA ILE A 238 8.87 -4.28 24.12
C ILE A 238 8.36 -5.67 23.85
N MET A 239 9.10 -6.65 24.34
CA MET A 239 8.76 -8.04 24.15
C MET A 239 7.35 -8.36 24.64
N LYS A 240 6.94 -7.75 25.74
CA LYS A 240 5.61 -8.03 26.28
C LYS A 240 4.54 -7.71 25.22
N VAL A 241 4.91 -6.90 24.24
CA VAL A 241 4.01 -6.49 23.17
C VAL A 241 4.27 -7.19 21.84
N THR A 242 5.53 -7.23 21.43
CA THR A 242 5.91 -7.85 20.15
C THR A 242 6.23 -9.33 20.27
N GLY A 243 6.12 -9.86 21.47
CA GLY A 243 6.46 -11.26 21.63
C GLY A 243 7.98 -11.34 21.67
N THR A 244 8.48 -12.50 22.07
CA THR A 244 9.91 -12.73 22.14
C THR A 244 10.34 -13.52 20.92
N PRO A 245 11.62 -13.40 20.52
CA PRO A 245 12.15 -14.13 19.36
C PRO A 245 12.26 -15.62 19.71
N PRO A 246 12.47 -16.48 18.70
CA PRO A 246 12.60 -17.92 18.97
C PRO A 246 13.82 -18.19 19.86
N ALA A 247 13.70 -19.20 20.71
CA ALA A 247 14.75 -19.57 21.64
C ALA A 247 16.09 -19.92 20.98
N GLU A 248 16.04 -20.49 19.79
CA GLU A 248 17.26 -20.86 19.06
C GLU A 248 18.03 -19.64 18.59
N PHE A 249 17.30 -18.55 18.33
CA PHE A 249 17.90 -17.30 17.89
C PHE A 249 18.70 -16.66 19.01
N VAL A 250 18.05 -16.53 20.17
CA VAL A 250 18.68 -15.91 21.32
C VAL A 250 19.87 -16.71 21.82
N GLN A 251 19.94 -17.98 21.43
CA GLN A 251 21.02 -18.88 21.81
C GLN A 251 22.31 -18.40 21.18
N ARG A 252 22.20 -18.04 19.90
CA ARG A 252 23.30 -17.60 19.05
C ARG A 252 23.65 -16.12 19.12
N LEU A 253 22.95 -15.36 19.96
CA LEU A 253 23.22 -13.94 20.09
C LEU A 253 24.70 -13.69 20.39
N GLN A 254 25.26 -12.77 19.61
CA GLN A 254 26.66 -12.38 19.73
C GLN A 254 26.90 -11.66 21.05
N SER A 255 26.01 -10.71 21.37
CA SER A 255 26.12 -9.95 22.60
C SER A 255 25.83 -10.84 23.82
N ASP A 256 26.83 -10.98 24.69
CA ASP A 256 26.67 -11.79 25.90
C ASP A 256 25.58 -11.21 26.78
N GLU A 257 25.70 -9.91 27.07
CA GLU A 257 24.74 -9.21 27.90
C GLU A 257 23.31 -9.43 27.38
N ALA A 258 23.11 -9.26 26.08
CA ALA A 258 21.78 -9.42 25.50
C ALA A 258 21.30 -10.86 25.53
N LYS A 259 22.24 -11.79 25.32
CA LYS A 259 21.93 -13.23 25.32
C LYS A 259 21.48 -13.71 26.68
N ASN A 260 22.25 -13.36 27.70
CA ASN A 260 21.91 -13.74 29.07
C ASN A 260 20.53 -13.16 29.42
N TYR A 261 20.32 -11.87 29.17
CA TYR A 261 19.05 -11.25 29.48
C TYR A 261 17.86 -11.94 28.82
N MET A 262 17.91 -12.09 27.51
CA MET A 262 16.83 -12.73 26.77
C MET A 262 16.58 -14.21 27.18
N LYS A 263 17.62 -14.82 27.74
CA LYS A 263 17.59 -16.21 28.21
C LYS A 263 16.71 -16.30 29.44
N GLY A 264 17.04 -15.49 30.45
CA GLY A 264 16.28 -15.47 31.69
C GLY A 264 14.85 -14.97 31.52
N LEU A 265 14.63 -14.20 30.47
CA LEU A 265 13.32 -13.66 30.19
C LEU A 265 12.33 -14.79 29.87
N PRO A 266 11.06 -14.63 30.26
CA PRO A 266 10.01 -15.63 30.00
C PRO A 266 9.80 -15.75 28.49
N GLU A 267 8.86 -16.58 28.08
CA GLU A 267 8.59 -16.74 26.65
C GLU A 267 7.26 -16.06 26.39
N LEU A 268 7.34 -14.84 25.87
CA LEU A 268 6.16 -14.03 25.57
C LEU A 268 5.59 -14.19 24.16
N GLU A 269 4.27 -14.07 24.04
CA GLU A 269 3.59 -14.19 22.75
C GLU A 269 3.19 -12.81 22.24
N LYS A 270 3.13 -12.68 20.92
CA LYS A 270 2.78 -11.42 20.26
C LYS A 270 1.31 -11.06 20.50
N LYS A 271 1.07 -9.83 20.97
CA LYS A 271 -0.28 -9.35 21.23
C LYS A 271 -0.77 -8.59 20.00
N ASP A 272 -2.08 -8.60 19.78
CA ASP A 272 -2.68 -7.90 18.65
C ASP A 272 -2.56 -6.43 19.03
N PHE A 273 -2.10 -5.59 18.09
CA PHE A 273 -1.96 -4.18 18.40
C PHE A 273 -3.26 -3.45 18.70
N ALA A 274 -4.34 -3.85 18.04
CA ALA A 274 -5.65 -3.24 18.26
C ALA A 274 -6.10 -3.38 19.71
N SER A 275 -5.53 -4.38 20.40
CA SER A 275 -5.83 -4.66 21.80
C SER A 275 -5.16 -3.67 22.74
N ILE A 276 -4.17 -2.95 22.22
CA ILE A 276 -3.42 -1.96 23.00
C ILE A 276 -3.91 -0.55 22.71
N LEU A 277 -4.03 -0.23 21.43
CA LEU A 277 -4.46 1.09 20.99
C LEU A 277 -5.99 1.19 21.06
N THR A 278 -6.47 1.56 22.25
CA THR A 278 -7.91 1.68 22.55
C THR A 278 -8.79 2.35 21.49
N ASN A 279 -8.63 3.66 21.30
CA ASN A 279 -9.44 4.40 20.33
C ASN A 279 -8.77 4.75 18.99
N ALA A 280 -7.77 3.96 18.61
CA ALA A 280 -7.04 4.17 17.36
C ALA A 280 -7.82 3.67 16.16
N SER A 281 -7.46 4.13 14.96
CA SER A 281 -8.15 3.70 13.74
C SER A 281 -7.53 2.38 13.24
N PRO A 282 -8.26 1.64 12.38
CA PRO A 282 -7.81 0.36 11.82
C PRO A 282 -6.50 0.49 11.01
N LEU A 283 -6.48 1.42 10.06
CA LEU A 283 -5.30 1.67 9.22
C LEU A 283 -4.09 2.09 10.06
N ALA A 284 -4.37 2.86 11.11
CA ALA A 284 -3.35 3.37 12.01
C ALA A 284 -2.70 2.20 12.71
N VAL A 285 -3.54 1.26 13.11
CA VAL A 285 -3.05 0.07 13.81
C VAL A 285 -2.22 -0.74 12.84
N ASN A 286 -2.68 -0.82 11.60
CA ASN A 286 -1.93 -1.58 10.60
C ASN A 286 -0.55 -0.96 10.39
N LEU A 287 -0.49 0.35 10.15
CA LEU A 287 0.79 1.02 9.96
C LEU A 287 1.74 0.79 11.13
N LEU A 288 1.21 0.97 12.34
CA LEU A 288 2.00 0.77 13.55
C LEU A 288 2.57 -0.63 13.60
N GLU A 289 1.71 -1.60 13.26
CA GLU A 289 2.08 -3.01 13.23
C GLU A 289 3.27 -3.20 12.26
N LYS A 290 3.23 -2.48 11.14
CA LYS A 290 4.29 -2.54 10.13
C LYS A 290 5.55 -1.80 10.56
N MET A 291 5.41 -0.78 11.38
CA MET A 291 6.57 -0.02 11.86
C MET A 291 7.22 -0.66 13.09
N LEU A 292 6.42 -1.29 13.94
CA LEU A 292 6.95 -1.90 15.15
C LEU A 292 7.25 -3.38 15.11
N VAL A 293 7.58 -3.89 13.93
CA VAL A 293 7.93 -5.30 13.78
C VAL A 293 9.32 -5.48 14.41
N LEU A 294 9.51 -6.62 15.06
CA LEU A 294 10.75 -6.92 15.75
C LEU A 294 11.95 -7.13 14.82
N ASP A 295 11.63 -7.65 13.64
CA ASP A 295 12.58 -7.97 12.58
C ASP A 295 12.87 -6.70 11.77
N ALA A 296 14.02 -6.09 12.05
CA ALA A 296 14.43 -4.87 11.37
C ALA A 296 14.25 -4.90 9.86
N GLU A 297 14.52 -6.04 9.24
CA GLU A 297 14.40 -6.17 7.78
C GLU A 297 12.99 -6.04 7.20
N GLN A 298 12.02 -6.69 7.84
CA GLN A 298 10.61 -6.65 7.39
C GLN A 298 9.93 -5.36 7.79
N ARG A 299 10.62 -4.60 8.65
CA ARG A 299 10.11 -3.33 9.15
C ARG A 299 10.01 -2.32 8.00
N VAL A 300 8.84 -1.73 7.88
CA VAL A 300 8.56 -0.75 6.83
C VAL A 300 9.62 0.37 6.80
N THR A 301 9.83 0.95 5.61
CA THR A 301 10.79 2.05 5.48
C THR A 301 9.96 3.33 5.43
N ALA A 302 10.63 4.47 5.57
CA ALA A 302 9.96 5.76 5.53
C ALA A 302 9.23 5.89 4.21
N GLY A 303 9.87 5.48 3.11
CA GLY A 303 9.23 5.55 1.81
C GLY A 303 7.96 4.73 1.80
N GLU A 304 8.10 3.46 2.20
CA GLU A 304 6.97 2.52 2.25
C GLU A 304 5.92 3.06 3.21
N ALA A 305 6.38 3.54 4.37
CA ALA A 305 5.51 4.11 5.39
C ALA A 305 4.56 5.15 4.80
N LEU A 306 5.12 6.10 4.05
CA LEU A 306 4.36 7.16 3.40
C LEU A 306 3.37 6.61 2.40
N ALA A 307 3.77 5.55 1.70
CA ALA A 307 2.93 4.90 0.70
C ALA A 307 1.70 4.18 1.26
N HIS A 308 1.65 4.02 2.59
CA HIS A 308 0.56 3.32 3.27
C HIS A 308 -0.83 4.00 3.15
N PRO A 309 -1.90 3.20 3.10
CA PRO A 309 -3.26 3.73 2.98
C PRO A 309 -3.68 4.67 4.09
N TYR A 310 -2.87 4.76 5.15
CA TYR A 310 -3.19 5.64 6.28
C TYR A 310 -3.03 7.09 5.83
N PHE A 311 -2.01 7.33 5.02
CA PHE A 311 -1.68 8.65 4.51
C PHE A 311 -2.32 8.91 3.15
N GLU A 312 -3.45 8.23 2.90
CA GLU A 312 -4.20 8.33 1.64
C GLU A 312 -4.59 9.76 1.24
N SER A 313 -5.24 10.46 2.17
CA SER A 313 -5.71 11.83 1.93
C SER A 313 -4.60 12.88 1.87
N LEU A 314 -3.34 12.43 1.90
CA LEU A 314 -2.23 13.36 1.85
C LEU A 314 -1.19 13.03 0.76
N HIS A 315 -1.18 11.77 0.31
CA HIS A 315 -0.25 11.28 -0.73
C HIS A 315 -0.11 12.09 -2.04
N GLN A 322 14.39 13.85 -5.82
CA GLN A 322 15.64 13.06 -5.59
C GLN A 322 16.61 13.85 -4.69
N VAL A 323 17.43 13.14 -3.92
CA VAL A 323 18.36 13.81 -2.99
C VAL A 323 19.86 13.49 -3.09
N GLN A 324 20.65 14.50 -2.72
CA GLN A 324 22.11 14.42 -2.74
C GLN A 324 22.64 13.79 -1.47
N LYS A 325 23.27 12.64 -1.61
CA LYS A 325 23.83 11.92 -0.48
C LYS A 325 24.92 12.74 0.20
N TYR A 326 24.89 12.74 1.54
CA TYR A 326 25.88 13.46 2.32
C TYR A 326 27.21 12.70 2.19
N ASP A 327 28.33 13.44 2.19
CA ASP A 327 29.66 12.84 2.05
C ASP A 327 30.60 13.37 3.13
N ASP A 328 31.71 12.69 3.42
CA ASP A 328 32.64 13.17 4.46
C ASP A 328 33.99 12.46 4.64
N SER A 329 34.80 13.04 5.52
CA SER A 329 36.13 12.55 5.92
C SER A 329 36.45 13.13 7.32
N ARG A 335 40.94 11.01 15.01
CA ARG A 335 41.36 12.46 15.07
C ARG A 335 41.52 12.93 16.51
N THR A 336 42.44 13.88 16.73
CA THR A 336 42.70 14.45 18.05
C THR A 336 41.63 15.47 18.47
N LEU A 337 41.62 15.84 19.76
CA LEU A 337 40.66 16.82 20.27
C LEU A 337 40.83 18.12 19.50
N ASP A 338 42.09 18.46 19.21
CA ASP A 338 42.42 19.67 18.46
C ASP A 338 42.13 19.55 16.96
N GLU A 339 41.99 18.33 16.46
CA GLU A 339 41.66 18.10 15.04
C GLU A 339 40.17 18.34 14.85
N TRP A 340 39.36 17.86 15.80
CA TRP A 340 37.92 18.05 15.75
C TRP A 340 37.60 19.54 15.91
N LYS A 341 38.27 20.16 16.88
CA LYS A 341 38.12 21.58 17.18
C LYS A 341 38.45 22.44 15.95
N ARG A 342 39.52 22.06 15.24
CA ARG A 342 39.95 22.78 14.04
C ARG A 342 39.02 22.50 12.86
N VAL A 343 38.70 21.24 12.62
CA VAL A 343 37.81 20.85 11.54
C VAL A 343 36.46 21.54 11.72
N THR A 344 36.02 21.66 12.97
CA THR A 344 34.76 22.30 13.32
C THR A 344 34.82 23.80 13.07
N TYR A 345 35.82 24.46 13.65
CA TYR A 345 36.01 25.90 13.50
C TYR A 345 35.91 26.31 12.04
N LYS A 346 36.47 25.49 11.16
CA LYS A 346 36.45 25.74 9.72
C LYS A 346 35.01 25.70 9.17
N GLU A 347 34.24 24.69 9.56
CA GLU A 347 32.86 24.56 9.12
C GLU A 347 31.97 25.66 9.71
N VAL A 348 32.43 26.30 10.79
CA VAL A 348 31.65 27.37 11.41
C VAL A 348 31.86 28.68 10.63
N LEU A 349 33.10 28.96 10.30
CA LEU A 349 33.44 30.18 9.57
C LEU A 349 33.01 30.15 8.11
N SER A 350 32.88 28.95 7.54
CA SER A 350 32.48 28.80 6.14
C SER A 350 30.98 28.86 5.91
N PHE A 351 30.22 29.20 6.95
CA PHE A 351 28.78 29.26 6.83
C PHE A 351 28.23 30.50 6.16
N LYS A 352 27.42 30.29 5.13
CA LYS A 352 26.79 31.39 4.41
C LYS A 352 25.29 31.26 4.66
N PRO A 353 24.67 32.30 5.23
CA PRO A 353 23.24 32.39 5.56
C PRO A 353 22.25 32.05 4.43
N ARG B 8 -9.28 -44.24 -28.52
CA ARG B 8 -10.47 -43.99 -29.38
C ARG B 8 -10.19 -42.92 -30.44
N SER B 9 -11.11 -42.79 -31.40
CA SER B 9 -11.00 -41.82 -32.50
C SER B 9 -12.37 -41.65 -33.14
N GLY B 10 -12.56 -40.52 -33.83
CA GLY B 10 -13.83 -40.22 -34.47
C GLY B 10 -14.67 -39.33 -33.55
N PHE B 11 -16.00 -39.45 -33.64
CA PHE B 11 -16.91 -38.66 -32.80
C PHE B 11 -18.01 -39.54 -32.24
N TYR B 12 -18.88 -38.94 -31.45
CA TYR B 12 -20.00 -39.65 -30.86
C TYR B 12 -20.98 -38.65 -30.24
N ARG B 13 -22.22 -39.08 -30.02
CA ARG B 13 -23.25 -38.19 -29.50
C ARG B 13 -23.88 -38.67 -28.21
N GLN B 14 -24.33 -37.72 -27.39
CA GLN B 14 -24.94 -38.07 -26.11
C GLN B 14 -25.96 -37.05 -25.62
N GLU B 15 -26.95 -37.56 -24.88
CA GLU B 15 -28.00 -36.75 -24.29
C GLU B 15 -27.46 -36.30 -22.95
N VAL B 16 -27.20 -35.01 -22.79
CA VAL B 16 -26.70 -34.52 -21.51
C VAL B 16 -27.88 -34.09 -20.64
N THR B 17 -28.26 -32.82 -20.70
CA THR B 17 -29.41 -32.38 -19.95
C THR B 17 -30.54 -32.43 -20.96
N LYS B 18 -30.86 -31.28 -21.55
CA LYS B 18 -31.91 -31.21 -22.57
C LYS B 18 -31.23 -31.16 -23.94
N THR B 19 -29.97 -30.78 -23.93
CA THR B 19 -29.19 -30.64 -25.17
C THR B 19 -28.46 -31.89 -25.64
N ALA B 20 -28.10 -31.86 -26.93
CA ALA B 20 -27.37 -32.96 -27.56
C ALA B 20 -25.98 -32.50 -27.96
N TRP B 21 -25.00 -33.26 -27.51
CA TRP B 21 -23.60 -32.97 -27.78
C TRP B 21 -23.03 -33.98 -28.76
N GLU B 22 -22.04 -33.57 -29.53
CA GLU B 22 -21.39 -34.46 -30.48
C GLU B 22 -19.89 -34.28 -30.29
N VAL B 23 -19.40 -34.75 -29.16
CA VAL B 23 -17.98 -34.64 -28.82
C VAL B 23 -17.12 -35.71 -29.49
N ARG B 24 -15.80 -35.65 -29.27
CA ARG B 24 -14.91 -36.66 -29.85
C ARG B 24 -15.00 -37.92 -29.04
N ALA B 25 -14.73 -39.05 -29.70
CA ALA B 25 -14.79 -40.37 -29.08
C ALA B 25 -13.87 -40.47 -27.88
N VAL B 26 -12.76 -39.77 -27.98
CA VAL B 26 -11.74 -39.75 -26.94
C VAL B 26 -12.23 -39.13 -25.63
N TYR B 27 -12.96 -38.02 -25.73
CA TYR B 27 -13.51 -37.33 -24.56
C TYR B 27 -14.62 -38.23 -24.06
N ARG B 28 -14.43 -38.78 -22.87
CA ARG B 28 -15.39 -39.72 -22.32
C ARG B 28 -16.07 -39.30 -21.01
N ASP B 29 -17.07 -40.08 -20.62
CA ASP B 29 -17.89 -39.85 -19.42
C ASP B 29 -18.30 -38.41 -19.17
N LEU B 30 -19.16 -37.87 -20.03
CA LEU B 30 -19.63 -36.49 -19.91
C LEU B 30 -20.55 -36.27 -18.71
N GLN B 31 -20.39 -35.11 -18.07
CA GLN B 31 -21.18 -34.72 -16.91
C GLN B 31 -21.35 -33.21 -16.95
N PRO B 32 -22.60 -32.72 -16.83
CA PRO B 32 -22.91 -31.30 -16.86
C PRO B 32 -22.41 -30.58 -15.60
N VAL B 33 -22.17 -29.28 -15.73
CA VAL B 33 -21.70 -28.46 -14.62
C VAL B 33 -22.18 -27.02 -14.78
N ALA B 40 -23.74 -24.11 -22.03
CA ALA B 40 -23.55 -25.35 -21.22
C ALA B 40 -22.15 -25.94 -21.39
N VAL B 41 -21.62 -26.41 -20.27
CA VAL B 41 -20.29 -26.96 -20.19
C VAL B 41 -20.40 -28.32 -19.52
N CYS B 42 -19.53 -29.22 -19.95
CA CYS B 42 -19.49 -30.57 -19.39
C CYS B 42 -18.11 -30.94 -18.93
N SER B 43 -18.07 -31.79 -17.92
CA SER B 43 -16.81 -32.29 -17.41
C SER B 43 -16.65 -33.68 -18.00
N ALA B 44 -15.61 -33.87 -18.80
CA ALA B 44 -15.35 -35.16 -19.42
C ALA B 44 -14.00 -35.69 -18.93
N VAL B 45 -13.54 -36.79 -19.52
CA VAL B 45 -12.25 -37.38 -19.18
C VAL B 45 -11.55 -37.63 -20.49
N ASP B 46 -10.29 -37.22 -20.63
CA ASP B 46 -9.61 -37.50 -21.87
C ASP B 46 -9.31 -38.98 -21.76
N GLY B 47 -9.96 -39.77 -22.61
CA GLY B 47 -9.77 -41.21 -22.57
C GLY B 47 -8.33 -41.60 -22.74
N ARG B 48 -7.58 -40.76 -23.43
CA ARG B 48 -6.18 -41.01 -23.68
C ARG B 48 -5.24 -40.87 -22.46
N THR B 49 -5.60 -40.02 -21.50
CA THR B 49 -4.72 -39.80 -20.34
C THR B 49 -5.28 -40.06 -18.97
N GLY B 50 -6.58 -39.82 -18.78
CA GLY B 50 -7.20 -40.07 -17.49
C GLY B 50 -7.45 -38.77 -16.72
N ALA B 51 -7.10 -37.66 -17.37
CA ALA B 51 -7.23 -36.33 -16.80
C ALA B 51 -8.61 -35.72 -17.06
N LYS B 52 -9.29 -35.24 -15.99
CA LYS B 52 -10.59 -34.59 -16.13
C LYS B 52 -10.40 -33.33 -16.96
N VAL B 53 -11.39 -33.09 -17.82
CA VAL B 53 -11.37 -31.96 -18.73
C VAL B 53 -12.73 -31.26 -18.72
N ALA B 54 -12.76 -30.02 -19.16
CA ALA B 54 -14.01 -29.27 -19.26
C ALA B 54 -14.31 -29.02 -20.73
N ILE B 55 -15.51 -29.40 -21.14
CA ILE B 55 -15.94 -29.22 -22.53
C ILE B 55 -17.13 -28.28 -22.60
N LYS B 56 -16.94 -27.19 -23.33
CA LYS B 56 -17.96 -26.16 -23.50
C LYS B 56 -18.49 -26.16 -24.92
N LYS B 57 -19.79 -26.32 -25.04
CA LYS B 57 -20.46 -26.32 -26.34
C LYS B 57 -21.05 -24.93 -26.58
N LEU B 58 -20.55 -24.25 -27.62
CA LEU B 58 -21.06 -22.93 -27.97
C LEU B 58 -22.50 -23.12 -28.46
N TYR B 59 -23.43 -22.64 -27.65
CA TYR B 59 -24.86 -22.72 -27.92
C TYR B 59 -25.36 -21.94 -29.15
N ARG B 60 -25.59 -22.67 -30.25
CA ARG B 60 -26.04 -22.08 -31.52
C ARG B 60 -25.35 -20.76 -31.84
N PRO B 61 -24.02 -20.77 -31.97
CA PRO B 61 -23.20 -19.59 -32.26
C PRO B 61 -23.54 -18.83 -33.53
N PHE B 62 -24.17 -19.49 -34.49
CA PHE B 62 -24.52 -18.82 -35.74
C PHE B 62 -26.02 -18.63 -35.93
N GLN B 63 -26.67 -18.23 -34.83
CA GLN B 63 -28.09 -17.99 -34.79
C GLN B 63 -28.32 -16.48 -35.04
N SER B 64 -27.27 -15.68 -34.91
CA SER B 64 -27.36 -14.24 -35.12
C SER B 64 -25.99 -13.64 -35.41
N GLU B 65 -25.90 -12.33 -35.41
CA GLU B 65 -24.62 -11.66 -35.66
C GLU B 65 -23.98 -11.38 -34.30
N LEU B 66 -24.82 -11.13 -33.31
CA LEU B 66 -24.37 -10.85 -31.95
C LEU B 66 -23.77 -12.14 -31.40
N PHE B 67 -24.42 -13.27 -31.67
CA PHE B 67 -23.92 -14.55 -31.18
C PHE B 67 -22.63 -14.95 -31.86
N ALA B 68 -22.60 -14.81 -33.18
CA ALA B 68 -21.42 -15.13 -33.98
C ALA B 68 -20.23 -14.31 -33.54
N LYS B 69 -20.41 -13.01 -33.45
CA LYS B 69 -19.35 -12.10 -33.04
C LYS B 69 -18.74 -12.54 -31.70
N ARG B 70 -19.59 -12.89 -30.75
CA ARG B 70 -19.11 -13.31 -29.44
C ARG B 70 -18.34 -14.62 -29.53
N ALA B 71 -18.89 -15.58 -30.27
CA ALA B 71 -18.25 -16.88 -30.44
C ALA B 71 -16.83 -16.70 -30.99
N TYR B 72 -16.69 -15.94 -32.06
CA TYR B 72 -15.40 -15.69 -32.67
C TYR B 72 -14.48 -14.96 -31.69
N ARG B 73 -15.00 -13.97 -30.99
CA ARG B 73 -14.19 -13.23 -30.02
C ARG B 73 -13.67 -14.15 -28.90
N GLU B 74 -14.54 -15.05 -28.43
CA GLU B 74 -14.19 -16.00 -27.36
C GLU B 74 -13.12 -16.98 -27.81
N LEU B 75 -13.29 -17.55 -29.00
CA LEU B 75 -12.31 -18.47 -29.53
C LEU B 75 -10.97 -17.73 -29.65
N ARG B 76 -10.96 -16.66 -30.45
CA ARG B 76 -9.78 -15.84 -30.71
C ARG B 76 -8.99 -15.38 -29.49
N LEU B 77 -9.69 -14.85 -28.48
CA LEU B 77 -9.00 -14.40 -27.27
C LEU B 77 -8.39 -15.57 -26.51
N LEU B 78 -9.14 -16.67 -26.43
CA LEU B 78 -8.68 -17.87 -25.73
C LEU B 78 -7.47 -18.47 -26.43
N LYS B 79 -7.50 -18.45 -27.76
CA LYS B 79 -6.38 -18.96 -28.53
C LYS B 79 -5.13 -18.08 -28.35
N HIS B 80 -5.34 -16.80 -28.10
CA HIS B 80 -4.23 -15.87 -27.92
C HIS B 80 -3.65 -15.77 -26.50
N MET B 81 -4.50 -15.56 -25.50
CA MET B 81 -4.03 -15.40 -24.12
C MET B 81 -3.27 -16.59 -23.58
N ARG B 82 -2.31 -16.34 -22.70
CA ARG B 82 -1.52 -17.41 -22.04
C ARG B 82 -1.07 -16.93 -20.65
N HIS B 83 -1.82 -17.35 -19.62
CA HIS B 83 -1.54 -16.96 -18.24
C HIS B 83 -2.00 -17.99 -17.22
N GLU B 84 -1.21 -18.17 -16.18
CA GLU B 84 -1.48 -19.13 -15.11
C GLU B 84 -2.86 -18.93 -14.46
N ASN B 85 -3.44 -17.75 -14.67
CA ASN B 85 -4.73 -17.42 -14.07
C ASN B 85 -5.84 -17.14 -15.08
N VAL B 86 -5.66 -17.60 -16.30
CA VAL B 86 -6.66 -17.40 -17.33
C VAL B 86 -6.82 -18.77 -17.98
N ILE B 87 -8.05 -19.25 -18.06
CA ILE B 87 -8.32 -20.55 -18.64
C ILE B 87 -7.72 -20.70 -20.03
N GLY B 88 -7.32 -21.93 -20.34
CA GLY B 88 -6.69 -22.16 -21.63
C GLY B 88 -7.31 -23.27 -22.42
N LEU B 89 -7.06 -23.22 -23.72
CA LEU B 89 -7.58 -24.24 -24.61
C LEU B 89 -6.64 -25.43 -24.70
N LEU B 90 -7.22 -26.63 -24.63
CA LEU B 90 -6.46 -27.86 -24.78
C LEU B 90 -6.79 -28.41 -26.17
N ASP B 91 -8.00 -28.12 -26.63
CA ASP B 91 -8.50 -28.60 -27.91
C ASP B 91 -9.77 -27.80 -28.20
N VAL B 92 -10.09 -27.72 -29.49
CA VAL B 92 -11.28 -27.06 -29.98
C VAL B 92 -11.64 -27.86 -31.22
N PHE B 93 -12.91 -28.21 -31.35
CA PHE B 93 -13.33 -29.01 -32.49
C PHE B 93 -14.74 -28.76 -32.93
N THR B 94 -15.09 -29.37 -34.06
CA THR B 94 -16.43 -29.30 -34.61
C THR B 94 -16.68 -30.59 -35.37
N PRO B 95 -17.78 -31.28 -35.04
CA PRO B 95 -18.16 -32.54 -35.66
C PRO B 95 -18.81 -32.31 -37.04
N ASP B 96 -18.51 -31.16 -37.62
CA ASP B 96 -19.01 -30.78 -38.93
C ASP B 96 -17.81 -30.80 -39.87
N GLU B 97 -17.87 -31.70 -40.85
CA GLU B 97 -16.80 -31.90 -41.82
C GLU B 97 -16.57 -30.79 -42.85
N THR B 98 -17.60 -30.01 -43.14
CA THR B 98 -17.50 -28.92 -44.13
C THR B 98 -18.03 -27.58 -43.63
N LEU B 99 -17.52 -26.49 -44.19
CA LEU B 99 -17.96 -25.14 -43.81
C LEU B 99 -19.43 -24.94 -44.10
N ASP B 100 -19.92 -25.61 -45.14
CA ASP B 100 -21.31 -25.51 -45.56
C ASP B 100 -22.29 -25.85 -44.41
N ASP B 101 -22.13 -26.99 -43.76
CA ASP B 101 -23.02 -27.35 -42.66
C ASP B 101 -22.45 -27.15 -41.25
N PHE B 102 -21.36 -26.41 -41.17
CA PHE B 102 -20.67 -26.07 -39.91
C PHE B 102 -21.61 -25.23 -39.05
N THR B 103 -22.34 -25.86 -38.14
CA THR B 103 -23.25 -25.12 -37.29
C THR B 103 -22.70 -24.76 -35.90
N ASP B 104 -21.85 -25.61 -35.34
CA ASP B 104 -21.29 -25.34 -34.02
C ASP B 104 -19.90 -25.89 -33.76
N PHE B 105 -19.37 -25.56 -32.57
CA PHE B 105 -18.05 -26.02 -32.18
C PHE B 105 -17.91 -26.09 -30.67
N TYR B 106 -16.99 -26.94 -30.24
CA TYR B 106 -16.72 -27.16 -28.82
C TYR B 106 -15.34 -26.70 -28.37
N LEU B 107 -15.28 -26.16 -27.15
CA LEU B 107 -14.03 -25.67 -26.56
C LEU B 107 -13.63 -26.61 -25.44
N VAL B 108 -12.36 -26.98 -25.41
CA VAL B 108 -11.87 -27.90 -24.39
C VAL B 108 -10.82 -27.25 -23.50
N MET B 109 -11.13 -27.20 -22.21
CA MET B 109 -10.22 -26.61 -21.23
C MET B 109 -10.04 -27.62 -20.12
N PRO B 110 -8.96 -27.49 -19.34
CA PRO B 110 -8.70 -28.40 -18.23
C PRO B 110 -9.76 -28.25 -17.16
N PHE B 111 -10.17 -29.32 -16.53
CA PHE B 111 -11.18 -29.19 -15.50
C PHE B 111 -10.54 -28.48 -14.31
N MET B 112 -11.16 -27.40 -13.87
CA MET B 112 -10.62 -26.62 -12.77
C MET B 112 -11.29 -26.75 -11.43
N GLY B 113 -11.99 -27.84 -11.17
CA GLY B 113 -12.61 -28.01 -9.88
C GLY B 113 -14.08 -27.60 -9.80
N THR B 114 -14.33 -26.33 -9.48
CA THR B 114 -15.67 -25.76 -9.39
C THR B 114 -15.49 -24.27 -9.56
N ASP B 115 -16.57 -23.53 -9.69
CA ASP B 115 -16.49 -22.09 -9.84
C ASP B 115 -16.68 -21.45 -8.48
N LEU B 116 -16.14 -20.25 -8.29
CA LEU B 116 -16.21 -19.56 -7.01
C LEU B 116 -17.62 -19.45 -6.45
N GLY B 117 -18.59 -19.28 -7.35
CA GLY B 117 -19.98 -19.18 -6.94
C GLY B 117 -20.45 -20.34 -6.12
N LYS B 118 -20.24 -21.56 -6.63
CA LYS B 118 -20.63 -22.79 -5.95
C LYS B 118 -19.79 -22.97 -4.72
N LEU B 119 -18.50 -22.68 -4.84
CA LEU B 119 -17.59 -22.83 -3.71
C LEU B 119 -18.07 -22.02 -2.51
N MET B 120 -18.62 -20.84 -2.76
CA MET B 120 -19.10 -19.95 -1.70
C MET B 120 -20.44 -20.32 -1.08
N LYS B 121 -21.26 -21.03 -1.85
CA LYS B 121 -22.57 -21.48 -1.43
C LYS B 121 -22.44 -22.61 -0.40
N HIS B 122 -21.41 -23.44 -0.57
CA HIS B 122 -21.16 -24.58 0.31
C HIS B 122 -20.39 -24.21 1.57
N GLU B 123 -19.40 -23.32 1.43
CA GLU B 123 -18.57 -22.94 2.56
C GLU B 123 -18.19 -21.46 2.66
N LYS B 124 -17.82 -21.04 3.87
CA LYS B 124 -17.38 -19.67 4.13
C LYS B 124 -15.88 -19.73 3.91
N LEU B 125 -15.34 -18.69 3.28
CA LEU B 125 -13.93 -18.69 2.94
C LEU B 125 -12.88 -18.52 4.02
N GLY B 126 -12.61 -17.31 4.46
CA GLY B 126 -11.59 -17.16 5.46
C GLY B 126 -10.45 -16.29 4.96
N GLU B 127 -9.99 -15.39 5.82
CA GLU B 127 -8.95 -14.43 5.50
C GLU B 127 -7.83 -14.85 4.55
N ASP B 128 -7.07 -15.88 4.90
CA ASP B 128 -5.97 -16.32 4.03
C ASP B 128 -6.47 -16.73 2.65
N ARG B 129 -7.57 -17.49 2.61
CA ARG B 129 -8.18 -17.98 1.37
C ARG B 129 -8.66 -16.85 0.46
N ILE B 130 -9.50 -15.98 1.02
CA ILE B 130 -10.05 -14.85 0.30
C ILE B 130 -8.97 -14.02 -0.33
N GLN B 131 -7.84 -13.85 0.38
CA GLN B 131 -6.71 -13.07 -0.11
C GLN B 131 -6.05 -13.73 -1.31
N PHE B 132 -5.72 -15.00 -1.13
CA PHE B 132 -5.09 -15.77 -2.19
C PHE B 132 -5.95 -15.75 -3.45
N LEU B 133 -7.24 -15.99 -3.27
CA LEU B 133 -8.14 -16.04 -4.41
C LEU B 133 -8.17 -14.73 -5.15
N VAL B 134 -8.34 -13.62 -4.42
CA VAL B 134 -8.42 -12.29 -5.03
C VAL B 134 -7.12 -11.86 -5.70
N TYR B 135 -6.00 -12.29 -5.12
CA TYR B 135 -4.70 -11.97 -5.65
C TYR B 135 -4.64 -12.53 -7.07
N GLN B 136 -5.10 -13.79 -7.20
CA GLN B 136 -5.13 -14.49 -8.47
C GLN B 136 -6.11 -13.86 -9.48
N MET B 137 -7.27 -13.42 -9.02
CA MET B 137 -8.20 -12.76 -9.94
C MET B 137 -7.46 -11.60 -10.61
N LEU B 138 -6.75 -10.84 -9.76
CA LEU B 138 -6.03 -9.67 -10.17
C LEU B 138 -4.81 -9.86 -11.07
N LYS B 139 -4.05 -10.93 -10.87
CA LYS B 139 -2.90 -11.16 -11.75
C LYS B 139 -3.48 -11.53 -13.11
N GLY B 140 -4.56 -12.30 -13.07
CA GLY B 140 -5.19 -12.71 -14.29
C GLY B 140 -5.67 -11.47 -14.99
N LEU B 141 -6.28 -10.58 -14.21
CA LEU B 141 -6.80 -9.34 -14.76
C LEU B 141 -5.73 -8.45 -15.34
N ARG B 142 -4.64 -8.27 -14.58
CA ARG B 142 -3.53 -7.44 -15.04
C ARG B 142 -3.03 -7.93 -16.38
N TYR B 143 -3.03 -9.26 -16.56
CA TYR B 143 -2.61 -9.84 -17.81
C TYR B 143 -3.61 -9.48 -18.91
N ILE B 144 -4.87 -9.86 -18.71
CA ILE B 144 -5.91 -9.59 -19.70
C ILE B 144 -5.91 -8.13 -20.14
N HIS B 145 -5.72 -7.22 -19.19
CA HIS B 145 -5.71 -5.79 -19.47
C HIS B 145 -4.46 -5.28 -20.15
N ALA B 146 -3.30 -5.69 -19.65
CA ALA B 146 -2.01 -5.29 -20.25
C ALA B 146 -2.02 -5.74 -21.71
N ALA B 147 -2.78 -6.80 -21.97
CA ALA B 147 -2.91 -7.33 -23.30
C ALA B 147 -3.94 -6.54 -24.08
N GLY B 148 -4.46 -5.46 -23.48
CA GLY B 148 -5.47 -4.62 -24.12
C GLY B 148 -6.88 -5.20 -24.25
N ILE B 149 -7.13 -6.30 -23.54
CA ILE B 149 -8.43 -6.98 -23.54
C ILE B 149 -9.31 -6.51 -22.36
N ILE B 150 -10.62 -6.59 -22.54
CA ILE B 150 -11.57 -6.23 -21.50
C ILE B 150 -12.48 -7.47 -21.38
N HIS B 151 -12.71 -7.91 -20.14
CA HIS B 151 -13.48 -9.11 -19.90
C HIS B 151 -14.99 -8.94 -19.93
N ARG B 152 -15.47 -7.92 -19.24
CA ARG B 152 -16.91 -7.60 -19.17
C ARG B 152 -17.88 -8.60 -18.52
N ASP B 153 -17.38 -9.51 -17.70
CA ASP B 153 -18.28 -10.44 -17.04
C ASP B 153 -17.71 -11.17 -15.83
N LEU B 154 -16.83 -10.53 -15.09
CA LEU B 154 -16.26 -11.18 -13.93
C LEU B 154 -17.34 -11.31 -12.86
N LYS B 155 -17.62 -12.55 -12.49
CA LYS B 155 -18.61 -12.81 -11.47
C LYS B 155 -18.13 -14.11 -10.91
N PRO B 156 -18.60 -14.47 -9.71
CA PRO B 156 -18.18 -15.73 -9.09
C PRO B 156 -18.30 -16.95 -10.02
N GLY B 157 -19.37 -16.99 -10.81
CA GLY B 157 -19.58 -18.10 -11.71
C GLY B 157 -18.59 -18.23 -12.86
N ASN B 158 -17.85 -17.17 -13.15
CA ASN B 158 -16.86 -17.22 -14.20
C ASN B 158 -15.47 -17.23 -13.63
N LEU B 159 -15.31 -17.83 -12.44
CA LEU B 159 -14.00 -17.93 -11.83
C LEU B 159 -13.85 -19.33 -11.28
N ALA B 160 -12.94 -20.12 -11.87
CA ALA B 160 -12.72 -21.50 -11.44
C ALA B 160 -11.66 -21.63 -10.35
N VAL B 161 -11.88 -22.54 -9.42
CA VAL B 161 -10.98 -22.74 -8.31
C VAL B 161 -10.84 -24.23 -8.04
N ASN B 162 -9.63 -24.76 -8.08
CA ASN B 162 -9.44 -26.20 -7.81
C ASN B 162 -9.15 -26.53 -6.34
N GLU B 163 -8.92 -27.81 -6.05
CA GLU B 163 -8.65 -28.29 -4.70
C GLU B 163 -7.49 -27.59 -4.01
N ASP B 164 -6.48 -27.18 -4.78
CA ASP B 164 -5.31 -26.49 -4.26
C ASP B 164 -5.50 -24.97 -4.27
N CYS B 165 -6.75 -24.53 -4.26
CA CYS B 165 -7.12 -23.12 -4.28
C CYS B 165 -6.52 -22.26 -5.37
N GLU B 166 -6.24 -22.89 -6.52
CA GLU B 166 -5.70 -22.16 -7.66
C GLU B 166 -6.88 -21.65 -8.47
N LEU B 167 -6.76 -20.44 -9.02
CA LEU B 167 -7.87 -19.87 -9.76
C LEU B 167 -7.54 -19.57 -11.20
N LYS B 168 -8.55 -19.68 -12.05
CA LYS B 168 -8.44 -19.35 -13.47
C LYS B 168 -9.74 -18.63 -13.90
N ILE B 169 -9.57 -17.46 -14.50
CA ILE B 169 -10.71 -16.68 -14.97
C ILE B 169 -11.34 -17.38 -16.15
N LEU B 170 -12.64 -17.58 -16.08
CA LEU B 170 -13.38 -18.24 -17.14
C LEU B 170 -14.24 -17.30 -17.96
N ASP B 171 -14.95 -17.91 -18.90
CA ASP B 171 -15.93 -17.23 -19.74
C ASP B 171 -15.53 -15.97 -20.45
N PHE B 172 -14.86 -16.09 -21.59
CA PHE B 172 -14.54 -14.89 -22.33
C PHE B 172 -15.60 -14.63 -23.38
N GLY B 173 -16.79 -15.18 -23.15
CA GLY B 173 -17.91 -15.03 -24.07
C GLY B 173 -18.40 -13.61 -24.31
N LEU B 174 -18.10 -12.72 -23.37
CA LEU B 174 -18.50 -11.33 -23.50
C LEU B 174 -17.26 -10.45 -23.59
N ALA B 175 -16.09 -11.06 -23.65
CA ALA B 175 -14.85 -10.28 -23.74
C ALA B 175 -14.56 -9.75 -25.14
N ARG B 176 -13.63 -8.79 -25.23
CA ARG B 176 -13.23 -8.17 -26.49
C ARG B 176 -11.97 -7.34 -26.27
N GLN B 177 -11.49 -6.72 -27.35
CA GLN B 177 -10.31 -5.86 -27.29
C GLN B 177 -10.82 -4.48 -26.88
N ALA B 178 -10.24 -3.91 -25.82
CA ALA B 178 -10.66 -2.61 -25.35
C ALA B 178 -10.55 -1.56 -26.44
N ASP B 179 -11.59 -0.73 -26.56
CA ASP B 179 -11.62 0.34 -27.54
C ASP B 179 -12.34 1.52 -26.91
N SER B 180 -12.60 2.56 -27.70
CA SER B 180 -13.28 3.75 -27.18
C SER B 180 -14.79 3.65 -27.03
N GLU B 181 -15.45 3.08 -28.01
CA GLU B 181 -16.91 2.95 -27.97
C GLU B 181 -17.34 1.49 -28.08
N MET B 182 -17.60 0.87 -26.93
CA MET B 182 -18.01 -0.53 -26.88
C MET B 182 -19.52 -0.73 -26.74
N TPO B 183 -19.98 -1.98 -26.84
CA TPO B 183 -21.39 -2.31 -26.74
CB TPO B 183 -21.67 -3.77 -27.26
CG2 TPO B 183 -22.96 -4.38 -26.66
OG1 TPO B 183 -20.55 -4.53 -26.89
P TPO B 183 -19.60 -5.06 -27.96
O1P TPO B 183 -18.39 -4.17 -27.99
O2P TPO B 183 -20.35 -4.99 -29.26
O3P TPO B 183 -19.17 -6.39 -27.55
C TPO B 183 -21.91 -2.00 -25.31
O TPO B 183 -21.22 -2.22 -24.31
N GLY B 184 -23.10 -1.41 -25.26
CA GLY B 184 -23.72 -0.97 -24.02
C GLY B 184 -24.10 -1.93 -22.92
N PTR B 185 -25.04 -2.84 -23.19
CA PTR B 185 -25.48 -3.78 -22.16
C PTR B 185 -24.46 -4.91 -21.93
O PTR B 185 -24.53 -5.94 -22.60
CB PTR B 185 -26.86 -4.33 -22.51
CG PTR B 185 -27.68 -4.45 -21.26
CD1 PTR B 185 -28.39 -5.66 -21.06
CD2 PTR B 185 -27.75 -3.43 -20.30
CE1 PTR B 185 -29.17 -5.88 -19.91
CE2 PTR B 185 -28.52 -3.67 -19.14
CZ PTR B 185 -29.23 -4.88 -18.95
OH PTR B 185 -30.06 -5.00 -17.88
P PTR B 185 -29.99 -6.19 -16.88
O1P PTR B 185 -29.10 -7.24 -17.32
O2P PTR B 185 -31.34 -6.75 -16.84
O3P PTR B 185 -29.64 -5.70 -15.56
N VAL B 186 -23.53 -4.68 -21.01
CA VAL B 186 -22.49 -5.67 -20.70
C VAL B 186 -22.34 -5.89 -19.21
N VAL B 187 -21.74 -7.01 -18.81
CA VAL B 187 -21.53 -7.39 -17.39
C VAL B 187 -22.83 -7.83 -16.74
N THR B 188 -22.78 -8.85 -15.89
CA THR B 188 -23.97 -9.32 -15.19
C THR B 188 -24.33 -8.26 -14.18
N ARG B 189 -25.61 -7.89 -14.14
CA ARG B 189 -26.12 -6.83 -13.26
C ARG B 189 -25.50 -6.61 -11.86
N TRP B 190 -25.53 -7.59 -10.99
CA TRP B 190 -24.98 -7.37 -9.65
C TRP B 190 -23.49 -7.07 -9.61
N TYR B 191 -22.80 -7.26 -10.72
CA TYR B 191 -21.37 -7.00 -10.77
C TYR B 191 -21.05 -5.88 -11.73
N ARG B 192 -22.11 -5.31 -12.27
CA ARG B 192 -22.01 -4.22 -13.23
C ARG B 192 -21.70 -2.89 -12.53
N ALA B 193 -20.69 -2.19 -13.04
CA ALA B 193 -20.29 -0.91 -12.50
C ALA B 193 -21.28 0.13 -12.97
N PRO B 194 -21.52 1.16 -12.15
CA PRO B 194 -22.46 2.23 -12.50
C PRO B 194 -22.23 2.91 -13.86
N GLU B 195 -20.98 3.14 -14.23
CA GLU B 195 -20.74 3.81 -15.50
C GLU B 195 -21.17 3.05 -16.72
N VAL B 196 -21.45 1.74 -16.60
CA VAL B 196 -21.93 0.97 -17.75
C VAL B 196 -23.25 1.60 -18.21
N ILE B 197 -23.93 2.25 -17.27
CA ILE B 197 -25.20 2.89 -17.54
C ILE B 197 -25.12 4.40 -17.58
N LEU B 198 -24.47 5.00 -16.59
CA LEU B 198 -24.35 6.46 -16.55
C LEU B 198 -23.52 6.92 -17.73
N ASN B 199 -22.56 6.09 -18.12
CA ASN B 199 -21.70 6.40 -19.25
C ASN B 199 -21.87 5.39 -20.37
N TRP B 200 -23.11 5.21 -20.80
CA TRP B 200 -23.46 4.28 -21.87
C TRP B 200 -22.41 4.23 -22.98
N MET B 201 -21.92 3.02 -23.26
CA MET B 201 -20.92 2.73 -24.29
C MET B 201 -19.50 3.27 -24.15
N ARG B 202 -19.18 3.91 -23.04
CA ARG B 202 -17.83 4.47 -22.90
C ARG B 202 -17.10 4.12 -21.61
N TYR B 203 -17.39 2.94 -21.07
CA TYR B 203 -16.73 2.47 -19.86
C TYR B 203 -15.36 1.91 -20.28
N THR B 204 -14.53 1.56 -19.31
CA THR B 204 -13.21 1.03 -19.63
C THR B 204 -12.93 -0.27 -18.91
N GLN B 205 -11.67 -0.68 -18.98
CA GLN B 205 -11.24 -1.90 -18.34
C GLN B 205 -11.45 -1.80 -16.84
N THR B 206 -11.72 -0.60 -16.35
CA THR B 206 -11.94 -0.48 -14.91
C THR B 206 -13.24 -1.15 -14.46
N VAL B 207 -14.13 -1.42 -15.42
CA VAL B 207 -15.39 -2.07 -15.05
C VAL B 207 -15.10 -3.43 -14.48
N ASP B 208 -14.03 -4.05 -14.93
CA ASP B 208 -13.64 -5.37 -14.44
C ASP B 208 -13.13 -5.24 -13.01
N ILE B 209 -12.64 -4.06 -12.64
CA ILE B 209 -12.16 -3.85 -11.28
C ILE B 209 -13.37 -3.70 -10.39
N TRP B 210 -14.43 -3.11 -10.93
CA TRP B 210 -15.66 -2.96 -10.18
C TRP B 210 -16.12 -4.36 -9.82
N SER B 211 -16.33 -5.19 -10.84
CA SER B 211 -16.75 -6.57 -10.66
C SER B 211 -15.87 -7.28 -9.61
N VAL B 212 -14.57 -7.13 -9.71
CA VAL B 212 -13.70 -7.76 -8.72
C VAL B 212 -14.00 -7.25 -7.28
N GLY B 213 -14.43 -6.00 -7.17
CA GLY B 213 -14.73 -5.45 -5.86
C GLY B 213 -15.98 -6.08 -5.28
N CYS B 214 -17.02 -6.17 -6.09
CA CYS B 214 -18.27 -6.78 -5.67
C CYS B 214 -17.98 -8.24 -5.34
N ILE B 215 -17.13 -8.87 -6.12
CA ILE B 215 -16.81 -10.27 -5.89
C ILE B 215 -16.02 -10.40 -4.59
N MET B 216 -15.00 -9.60 -4.40
CA MET B 216 -14.21 -9.68 -3.18
C MET B 216 -15.09 -9.36 -1.97
N ALA B 217 -16.00 -8.41 -2.15
CA ALA B 217 -16.90 -8.00 -1.10
C ALA B 217 -17.83 -9.15 -0.73
N GLU B 218 -18.28 -9.88 -1.74
CA GLU B 218 -19.18 -11.00 -1.55
C GLU B 218 -18.49 -12.16 -0.83
N MET B 219 -17.22 -12.40 -1.16
CA MET B 219 -16.50 -13.47 -0.51
C MET B 219 -16.45 -13.21 0.99
N ILE B 220 -16.21 -11.97 1.37
CA ILE B 220 -16.10 -11.58 2.77
C ILE B 220 -17.42 -11.62 3.58
N THR B 221 -18.44 -10.94 3.06
CA THR B 221 -19.74 -10.87 3.72
C THR B 221 -20.55 -12.14 3.56
N GLY B 222 -20.61 -12.65 2.34
CA GLY B 222 -21.36 -13.86 2.08
C GLY B 222 -22.65 -13.51 1.33
N LYS B 223 -22.96 -12.23 1.31
CA LYS B 223 -24.15 -11.72 0.65
C LYS B 223 -23.73 -10.94 -0.60
N THR B 224 -24.62 -10.88 -1.59
CA THR B 224 -24.37 -10.12 -2.81
C THR B 224 -24.35 -8.67 -2.36
N LEU B 225 -23.32 -7.93 -2.78
CA LEU B 225 -23.17 -6.53 -2.38
C LEU B 225 -24.25 -5.58 -2.89
N PHE B 226 -24.49 -5.55 -4.18
CA PHE B 226 -25.51 -4.67 -4.73
C PHE B 226 -26.52 -5.51 -5.53
N LYS B 227 -27.52 -6.06 -4.84
CA LYS B 227 -28.53 -6.89 -5.50
C LYS B 227 -29.69 -6.02 -5.98
N GLY B 228 -29.61 -5.51 -7.20
CA GLY B 228 -30.68 -4.67 -7.70
C GLY B 228 -31.70 -5.44 -8.52
N SER B 229 -32.93 -4.92 -8.59
CA SER B 229 -34.00 -5.60 -9.33
C SER B 229 -33.90 -5.42 -10.84
N ASP B 230 -33.49 -4.24 -11.29
CA ASP B 230 -33.32 -3.97 -12.73
C ASP B 230 -32.06 -3.14 -12.90
N HIS B 231 -31.66 -2.90 -14.15
CA HIS B 231 -30.43 -2.13 -14.40
C HIS B 231 -30.40 -0.75 -13.80
N LEU B 232 -31.55 -0.09 -13.79
CA LEU B 232 -31.65 1.24 -13.19
C LEU B 232 -31.66 1.10 -11.67
N ASP B 233 -32.39 0.10 -11.17
CA ASP B 233 -32.47 -0.09 -9.72
C ASP B 233 -31.11 -0.46 -9.14
N GLN B 234 -30.25 -1.03 -9.99
CA GLN B 234 -28.90 -1.43 -9.60
C GLN B 234 -28.13 -0.15 -9.23
N LEU B 235 -28.38 0.91 -9.98
CA LEU B 235 -27.73 2.18 -9.70
C LEU B 235 -28.10 2.56 -8.29
N LYS B 236 -29.40 2.52 -7.97
CA LYS B 236 -29.87 2.88 -6.62
C LYS B 236 -29.20 2.04 -5.54
N GLU B 237 -29.13 0.74 -5.74
CA GLU B 237 -28.49 -0.10 -4.75
C GLU B 237 -27.05 0.31 -4.53
N ILE B 238 -26.33 0.60 -5.62
CA ILE B 238 -24.93 1.02 -5.52
C ILE B 238 -24.84 2.36 -4.83
N MET B 239 -25.67 3.29 -5.29
CA MET B 239 -25.69 4.63 -4.74
C MET B 239 -25.93 4.64 -3.24
N LYS B 240 -26.77 3.73 -2.75
CA LYS B 240 -27.06 3.68 -1.32
C LYS B 240 -25.77 3.47 -0.52
N VAL B 241 -24.75 2.96 -1.20
CA VAL B 241 -23.46 2.69 -0.58
C VAL B 241 -22.38 3.71 -0.92
N THR B 242 -22.24 4.01 -2.21
CA THR B 242 -21.22 4.94 -2.68
C THR B 242 -21.69 6.39 -2.71
N GLY B 243 -22.93 6.62 -2.30
CA GLY B 243 -23.44 7.97 -2.36
C GLY B 243 -23.79 8.25 -3.81
N THR B 244 -24.49 9.36 -4.03
CA THR B 244 -24.91 9.75 -5.37
C THR B 244 -23.98 10.86 -5.84
N PRO B 245 -23.83 11.02 -7.16
CA PRO B 245 -22.98 12.05 -7.75
C PRO B 245 -23.62 13.41 -7.52
N PRO B 246 -22.87 14.51 -7.76
CA PRO B 246 -23.43 15.84 -7.58
C PRO B 246 -24.58 16.08 -8.55
N ALA B 247 -25.58 16.84 -8.11
CA ALA B 247 -26.76 17.12 -8.91
C ALA B 247 -26.46 17.78 -10.26
N GLU B 248 -25.43 18.62 -10.30
CA GLU B 248 -25.05 19.31 -11.55
C GLU B 248 -24.52 18.34 -12.60
N PHE B 249 -23.91 17.24 -12.13
CA PHE B 249 -23.36 16.21 -13.02
C PHE B 249 -24.47 15.45 -13.70
N VAL B 250 -25.42 14.99 -12.90
CA VAL B 250 -26.54 14.22 -13.42
C VAL B 250 -27.43 15.04 -14.35
N GLN B 251 -27.30 16.36 -14.26
CA GLN B 251 -28.05 17.28 -15.08
C GLN B 251 -27.62 17.16 -16.52
N ARG B 252 -26.31 17.08 -16.68
CA ARG B 252 -25.64 16.99 -17.97
C ARG B 252 -25.48 15.59 -18.57
N LEU B 253 -25.99 14.57 -17.88
CA LEU B 253 -25.90 13.22 -18.39
C LEU B 253 -26.43 13.10 -19.81
N GLN B 254 -25.63 12.47 -20.65
CA GLN B 254 -25.95 12.26 -22.05
C GLN B 254 -27.14 11.31 -22.20
N SER B 255 -27.09 10.20 -21.46
CA SER B 255 -28.15 9.20 -21.49
C SER B 255 -29.41 9.73 -20.84
N ASP B 256 -30.49 9.84 -21.63
CA ASP B 256 -31.77 10.32 -21.13
C ASP B 256 -32.27 9.40 -20.01
N GLU B 257 -32.32 8.10 -20.31
CA GLU B 257 -32.78 7.10 -19.36
C GLU B 257 -32.03 7.23 -18.02
N ALA B 258 -30.72 7.34 -18.09
CA ALA B 258 -29.92 7.46 -16.88
C ALA B 258 -30.14 8.77 -16.15
N LYS B 259 -30.32 9.83 -16.92
CA LYS B 259 -30.52 11.18 -16.36
C LYS B 259 -31.83 11.26 -15.61
N ASN B 260 -32.90 10.81 -16.24
CA ASN B 260 -34.21 10.82 -15.61
C ASN B 260 -34.15 9.99 -14.32
N TYR B 261 -33.60 8.78 -14.39
CA TYR B 261 -33.52 7.93 -13.23
C TYR B 261 -32.79 8.58 -12.06
N MET B 262 -31.57 9.02 -12.30
CA MET B 262 -30.76 9.66 -11.26
C MET B 262 -31.39 10.95 -10.69
N LYS B 263 -32.26 11.56 -11.49
CA LYS B 263 -32.97 12.80 -11.14
C LYS B 263 -34.00 12.48 -10.06
N GLY B 264 -34.87 11.52 -10.34
CA GLY B 264 -35.90 11.12 -9.40
C GLY B 264 -35.35 10.48 -8.14
N LEU B 265 -34.16 9.94 -8.24
CA LEU B 265 -33.50 9.31 -7.11
C LEU B 265 -33.20 10.32 -6.01
N PRO B 266 -33.29 9.90 -4.74
CA PRO B 266 -33.01 10.79 -3.59
C PRO B 266 -31.56 11.23 -3.63
N GLU B 267 -31.13 11.99 -2.64
CA GLU B 267 -29.74 12.43 -2.59
C GLU B 267 -29.08 11.64 -1.47
N LEU B 268 -28.35 10.60 -1.85
CA LEU B 268 -27.67 9.72 -0.90
C LEU B 268 -26.24 10.11 -0.56
N GLU B 269 -25.83 9.84 0.68
CA GLU B 269 -24.49 10.14 1.14
C GLU B 269 -23.63 8.87 1.19
N LYS B 270 -22.32 9.04 1.00
CA LYS B 270 -21.38 7.93 0.99
C LYS B 270 -21.24 7.33 2.39
N LYS B 271 -21.39 6.01 2.48
CA LYS B 271 -21.27 5.30 3.76
C LYS B 271 -19.85 4.76 3.88
N ASP B 272 -19.38 4.66 5.12
CA ASP B 272 -18.04 4.15 5.38
C ASP B 272 -18.13 2.67 5.07
N PHE B 273 -17.17 2.12 4.33
CA PHE B 273 -17.20 0.71 3.97
C PHE B 273 -17.08 -0.22 5.16
N ALA B 274 -16.31 0.17 6.16
CA ALA B 274 -16.13 -0.64 7.36
C ALA B 274 -17.45 -0.89 8.08
N SER B 275 -18.42 -0.02 7.83
CA SER B 275 -19.78 -0.11 8.40
C SER B 275 -20.62 -1.20 7.74
N ILE B 276 -20.20 -1.64 6.55
CA ILE B 276 -20.90 -2.66 5.79
C ILE B 276 -20.23 -4.03 5.95
N LEU B 277 -18.91 -4.06 5.78
CA LEU B 277 -18.13 -5.29 5.91
C LEU B 277 -17.88 -5.62 7.38
N THR B 278 -18.84 -6.31 7.98
CA THR B 278 -18.82 -6.69 9.39
C THR B 278 -17.48 -7.22 9.95
N ASN B 279 -17.08 -8.41 9.53
CA ASN B 279 -15.84 -9.01 10.04
C ASN B 279 -14.63 -8.95 9.10
N ALA B 280 -14.63 -7.96 8.20
CA ALA B 280 -13.53 -7.78 7.25
C ALA B 280 -12.30 -7.13 7.88
N SER B 281 -11.15 -7.26 7.23
CA SER B 281 -9.92 -6.67 7.76
C SER B 281 -9.82 -5.20 7.32
N PRO B 282 -8.99 -4.39 8.01
CA PRO B 282 -8.79 -2.97 7.70
C PRO B 282 -8.27 -2.73 6.28
N LEU B 283 -7.18 -3.42 5.92
CA LEU B 283 -6.56 -3.30 4.59
C LEU B 283 -7.54 -3.75 3.49
N ALA B 284 -8.33 -4.77 3.80
CA ALA B 284 -9.32 -5.32 2.87
C ALA B 284 -10.34 -4.25 2.58
N VAL B 285 -10.78 -3.57 3.62
CA VAL B 285 -11.76 -2.51 3.48
C VAL B 285 -11.14 -1.40 2.65
N ASN B 286 -9.87 -1.10 2.89
CA ASN B 286 -9.24 -0.03 2.14
C ASN B 286 -9.20 -0.38 0.66
N LEU B 287 -8.73 -1.58 0.33
CA LEU B 287 -8.67 -2.01 -1.07
C LEU B 287 -10.03 -1.93 -1.73
N LEU B 288 -11.05 -2.44 -1.06
CA LEU B 288 -12.40 -2.42 -1.58
C LEU B 288 -12.83 -0.99 -1.87
N GLU B 289 -12.53 -0.10 -0.92
CA GLU B 289 -12.85 1.32 -1.04
C GLU B 289 -12.19 1.87 -2.31
N LYS B 290 -10.98 1.43 -2.60
CA LYS B 290 -10.24 1.87 -3.79
C LYS B 290 -10.77 1.24 -5.07
N MET B 291 -11.34 0.03 -4.98
CA MET B 291 -11.89 -0.65 -6.16
C MET B 291 -13.33 -0.22 -6.47
N LEU B 292 -14.09 0.09 -5.43
CA LEU B 292 -15.48 0.48 -5.63
C LEU B 292 -15.79 1.97 -5.67
N VAL B 293 -14.83 2.76 -6.11
CA VAL B 293 -15.03 4.20 -6.22
C VAL B 293 -15.94 4.42 -7.42
N LEU B 294 -16.83 5.39 -7.29
CA LEU B 294 -17.82 5.70 -8.31
C LEU B 294 -17.21 6.27 -9.60
N ASP B 295 -16.12 7.00 -9.39
CA ASP B 295 -15.34 7.68 -10.43
C ASP B 295 -14.38 6.69 -11.09
N ALA B 296 -14.79 6.18 -12.25
CA ALA B 296 -13.98 5.22 -12.99
C ALA B 296 -12.49 5.57 -13.07
N GLU B 297 -12.17 6.86 -13.24
CA GLU B 297 -10.77 7.29 -13.35
C GLU B 297 -9.91 7.11 -12.10
N GLN B 298 -10.45 7.46 -10.94
CA GLN B 298 -9.71 7.34 -9.66
C GLN B 298 -9.71 5.89 -9.16
N ARG B 299 -10.52 5.06 -9.82
CA ARG B 299 -10.65 3.66 -9.46
C ARG B 299 -9.34 2.94 -9.74
N VAL B 300 -8.86 2.21 -8.73
CA VAL B 300 -7.61 1.47 -8.82
C VAL B 300 -7.57 0.55 -10.05
N THR B 301 -6.37 0.29 -10.56
CA THR B 301 -6.22 -0.61 -11.70
C THR B 301 -5.75 -1.94 -11.15
N ALA B 302 -5.80 -2.97 -11.97
CA ALA B 302 -5.36 -4.30 -11.56
C ALA B 302 -3.92 -4.24 -11.09
N GLY B 303 -3.09 -3.51 -11.84
CA GLY B 303 -1.69 -3.35 -11.46
C GLY B 303 -1.59 -2.74 -10.08
N GLU B 304 -2.25 -1.59 -9.92
CA GLU B 304 -2.26 -0.86 -8.64
C GLU B 304 -2.86 -1.73 -7.55
N ALA B 305 -3.95 -2.42 -7.89
CA ALA B 305 -4.64 -3.30 -6.97
C ALA B 305 -3.68 -4.30 -6.35
N LEU B 306 -2.89 -4.95 -7.20
CA LEU B 306 -1.91 -5.94 -6.76
C LEU B 306 -0.84 -5.34 -5.86
N ALA B 307 -0.46 -4.10 -6.18
CA ALA B 307 0.54 -3.34 -5.42
C ALA B 307 0.11 -2.94 -4.00
N HIS B 308 -1.18 -3.10 -3.69
CA HIS B 308 -1.74 -2.73 -2.39
C HIS B 308 -1.21 -3.54 -1.20
N PRO B 309 -1.09 -2.92 -0.02
CA PRO B 309 -0.60 -3.58 1.18
C PRO B 309 -1.40 -4.81 1.61
N TYR B 310 -2.57 -5.02 0.99
CA TYR B 310 -3.41 -6.17 1.33
C TYR B 310 -2.74 -7.45 0.85
N PHE B 311 -2.11 -7.35 -0.31
CA PHE B 311 -1.42 -8.46 -0.97
C PHE B 311 0.07 -8.49 -0.62
N GLU B 312 0.41 -7.93 0.54
CA GLU B 312 1.79 -7.85 1.03
C GLU B 312 2.51 -9.20 1.10
N SER B 313 1.90 -10.17 1.77
CA SER B 313 2.48 -11.50 1.92
C SER B 313 2.52 -12.33 0.64
N LEU B 314 2.15 -11.75 -0.47
CA LEU B 314 2.14 -12.48 -1.73
C LEU B 314 2.91 -11.78 -2.86
N HIS B 315 3.11 -10.47 -2.71
CA HIS B 315 3.81 -9.62 -3.70
C HIS B 315 5.19 -10.10 -4.21
N GLN B 322 6.18 -8.93 -19.23
CA GLN B 322 5.54 -8.05 -20.26
C GLN B 322 4.65 -8.89 -21.19
N VAL B 323 3.59 -8.26 -21.73
CA VAL B 323 2.63 -8.99 -22.59
C VAL B 323 2.36 -8.46 -24.00
N GLN B 324 2.04 -9.41 -24.87
CA GLN B 324 1.75 -9.14 -26.28
C GLN B 324 0.30 -8.73 -26.46
N LYS B 325 0.09 -7.50 -26.89
CA LYS B 325 -1.25 -6.99 -27.12
C LYS B 325 -1.98 -7.78 -28.20
N TYR B 326 -3.25 -8.10 -27.94
CA TYR B 326 -4.06 -8.82 -28.90
C TYR B 326 -4.36 -7.88 -30.08
N ASP B 327 -4.44 -8.43 -31.29
CA ASP B 327 -4.69 -7.63 -32.49
C ASP B 327 -5.83 -8.27 -33.31
N ASP B 328 -6.46 -7.52 -34.23
CA ASP B 328 -7.55 -8.10 -35.02
C ASP B 328 -8.14 -7.26 -36.18
N SER B 329 -9.04 -7.91 -36.92
CA SER B 329 -9.79 -7.36 -38.05
C SER B 329 -11.10 -8.18 -38.22
N ARG B 335 -19.80 -7.25 -40.91
CA ARG B 335 -19.66 -8.60 -41.54
C ARG B 335 -20.98 -9.37 -41.53
N THR B 336 -21.18 -10.20 -42.55
CA THR B 336 -22.41 -11.01 -42.67
C THR B 336 -22.41 -12.25 -41.75
N LEU B 337 -23.56 -12.89 -41.59
CA LEU B 337 -23.66 -14.08 -40.74
C LEU B 337 -22.70 -15.13 -41.28
N ASP B 338 -22.62 -15.23 -42.60
CA ASP B 338 -21.73 -16.17 -43.26
C ASP B 338 -20.25 -15.77 -43.22
N GLU B 339 -19.98 -14.49 -42.94
CA GLU B 339 -18.60 -14.02 -42.85
C GLU B 339 -18.06 -14.41 -41.48
N TRP B 340 -18.90 -14.27 -40.45
CA TRP B 340 -18.52 -14.64 -39.08
C TRP B 340 -18.32 -16.15 -39.02
N LYS B 341 -19.26 -16.87 -39.61
CA LYS B 341 -19.24 -18.33 -39.66
C LYS B 341 -17.96 -18.83 -40.33
N ARG B 342 -17.57 -18.17 -41.43
CA ARG B 342 -16.37 -18.51 -42.18
C ARG B 342 -15.10 -18.11 -41.43
N VAL B 343 -15.05 -16.88 -40.95
CA VAL B 343 -13.90 -16.38 -40.20
C VAL B 343 -13.66 -17.28 -38.99
N THR B 344 -14.76 -17.75 -38.37
CA THR B 344 -14.71 -18.61 -37.19
C THR B 344 -14.17 -19.99 -37.56
N TYR B 345 -14.82 -20.62 -38.56
CA TYR B 345 -14.43 -21.96 -39.03
C TYR B 345 -12.93 -22.03 -39.24
N LYS B 346 -12.36 -20.97 -39.80
CA LYS B 346 -10.93 -20.88 -40.06
C LYS B 346 -10.12 -20.92 -38.76
N GLU B 347 -10.55 -20.15 -37.76
CA GLU B 347 -9.86 -20.11 -36.47
C GLU B 347 -10.02 -21.42 -35.70
N VAL B 348 -11.01 -22.21 -36.08
CA VAL B 348 -11.25 -23.50 -35.42
C VAL B 348 -10.28 -24.55 -35.98
N LEU B 349 -10.16 -24.57 -37.30
CA LEU B 349 -9.30 -25.54 -37.97
C LEU B 349 -7.81 -25.25 -37.79
N SER B 350 -7.47 -23.98 -37.56
CA SER B 350 -6.08 -23.57 -37.39
C SER B 350 -5.55 -23.79 -35.97
N PHE B 351 -6.33 -24.46 -35.13
CA PHE B 351 -5.90 -24.68 -33.77
C PHE B 351 -4.90 -25.80 -33.58
N LYS B 352 -3.78 -25.48 -32.92
CA LYS B 352 -2.76 -26.47 -32.63
C LYS B 352 -2.70 -26.60 -31.11
N PRO B 353 -2.93 -27.82 -30.59
CA PRO B 353 -2.93 -28.16 -29.17
C PRO B 353 -1.71 -27.71 -28.33
MG MG C . 16.06 17.29 22.23
MG MG D . 21.27 16.33 21.10
PG ANP E . 18.45 16.63 23.59
O1G ANP E . 18.42 16.56 25.15
O2G ANP E . 17.23 15.74 23.03
O3G ANP E . 19.85 16.02 23.15
PB ANP E . 19.33 19.17 22.92
O1B ANP E . 19.52 20.03 24.22
O2B ANP E . 20.58 18.52 22.31
N3B ANP E . 18.27 18.10 23.21
PA ANP E . 17.48 20.29 21.01
O1A ANP E . 17.89 20.85 19.60
O2A ANP E . 16.93 18.89 20.87
O3A ANP E . 18.81 20.35 22.00
O5' ANP E . 16.32 21.20 21.63
C5' ANP E . 15.76 20.97 22.97
C4' ANP E . 14.49 21.81 23.02
O4' ANP E . 14.72 23.03 22.30
C3' ANP E . 13.39 21.16 22.16
O3' ANP E . 12.58 20.32 22.99
C2' ANP E . 12.53 22.30 21.61
O2' ANP E . 11.69 22.87 22.55
C1' ANP E . 13.64 23.31 21.43
N9 ANP E . 13.90 23.67 20.12
C8 ANP E . 15.05 23.33 19.42
N7 ANP E . 15.09 23.88 18.18
C5 ANP E . 13.92 24.59 18.11
C6 ANP E . 13.34 25.40 17.16
N6 ANP E . 14.02 25.60 15.94
N1 ANP E . 12.17 25.96 17.47
C2 ANP E . 11.51 25.80 18.62
N3 ANP E . 11.94 25.05 19.63
C4 ANP E . 13.13 24.45 19.37
MG MG F . -20.44 -18.37 -16.59
MG MG G . -20.55 -16.44 -21.67
PG ANP H . -22.28 -17.68 -18.62
O1G ANP H . -23.79 -17.96 -18.33
O2G ANP H . -21.69 -16.90 -17.40
O3G ANP H . -22.26 -16.81 -19.93
PB ANP H . -21.39 -19.90 -20.07
O1B ANP H . -22.47 -20.99 -20.17
O2B ANP H . -21.17 -18.98 -21.27
N3B ANP H . -21.63 -19.05 -18.78
PA ANP H . -18.93 -20.80 -18.76
O1A ANP H . -17.54 -20.95 -19.48
O2A ANP H . -18.95 -19.49 -18.02
O3A ANP H . -20.14 -20.90 -19.92
O5' ANP H . -19.12 -21.94 -17.70
C5' ANP H . -20.33 -22.12 -16.90
C4' ANP H . -19.95 -23.12 -15.80
O4' ANP H . -19.10 -24.12 -16.37
C3' ANP H . -19.03 -22.46 -14.76
O3' ANP H . -19.80 -21.96 -13.72
C2' ANP H . -18.10 -23.54 -14.24
O2' ANP H . -18.72 -24.44 -13.35
C1' ANP H . -17.94 -24.33 -15.53
N9 ANP H . -16.67 -24.36 -16.09
C8 ANP H . -16.32 -23.71 -17.25
N7 ANP H . -15.04 -23.96 -17.58
C5 ANP H . -14.59 -24.79 -16.59
C6 ANP H . -13.40 -25.41 -16.34
N6 ANP H . -12.34 -25.23 -17.27
N1 ANP H . -13.33 -26.17 -15.24
C2 ANP H . -14.32 -26.37 -14.38
N3 ANP H . -15.54 -25.82 -14.52
C4 ANP H . -15.65 -25.04 -15.62
#